data_5JPZ
#
_entry.id   5JPZ
#
_cell.length_a   105.568
_cell.length_b   118.351
_cell.length_c   133.294
_cell.angle_alpha   90.000
_cell.angle_beta   90.000
_cell.angle_gamma   90.000
#
_symmetry.space_group_name_H-M   'P 21 21 21'
#
loop_
_entity.id
_entity.type
_entity.pdbx_description
1 polymer 'Squamous cell carcinoma antigen recognized by T-cells 3'
2 water water
#
_entity_poly.entity_id   1
_entity_poly.type   'polypeptide(L)'
_entity_poly.pdbx_seq_one_letter_code
;MSYYHHHHHHDYDIPTTENLYFQGAMGSGILEIERLEEQLSINVYDYNCHVDLIRLLRLEGELTKVRMARQKMSEIFPLT
EELWLEWLHDEISMAQDGLDREHVYDLFEKAVKDYICPNIWLEYGQYSVGGIGQKGGLEKVRSVFERALSSVGLHMTKGL
ALWEAYREFESAIVEAARLEKVHSLFRRQLAIPLYDMEATFAEYEEWSEDPIPESVIQNYNKALQQLEKYKPYEEALLQA
EAPRLAEYQAYIDFEMKIGDPARIQLIFERALVENCLVPDLWIRYSQYLDRQLKVKDLVLSVHNRAIRNCPWTVALWSRY
LLAMERHGVDHQVISVTFEKALNAGFIQATDYVEIWQAYLDYLRRRVDFKQDSSKELEELRAAFTRALEYLKQEVEERFN
ESGDPSCVIMQNWARIEARLCNNMQKARELWDSIMTRGNAKYANMWLEYYNLERAHGDTQHCRKALHRAVQCTSDYPEHV
CEVLLTMERTEGSLEDWDIAVQKTETRLA
;
_entity_poly.pdbx_strand_id   A,B
#
# COMPACT_ATOMS: atom_id res chain seq x y z
N GLY A 27 -23.35 -67.27 15.85
CA GLY A 27 -22.35 -66.48 16.55
C GLY A 27 -21.91 -65.24 15.79
N SER A 28 -22.69 -64.87 14.76
CA SER A 28 -22.37 -63.70 13.95
C SER A 28 -22.38 -62.42 14.78
N GLY A 29 -23.33 -62.32 15.73
CA GLY A 29 -23.40 -61.14 16.57
C GLY A 29 -22.12 -60.89 17.35
N ILE A 30 -21.55 -61.96 17.93
CA ILE A 30 -20.29 -61.87 18.68
C ILE A 30 -19.21 -61.22 17.82
N LEU A 31 -19.00 -61.79 16.63
CA LEU A 31 -17.94 -61.33 15.76
C LEU A 31 -18.21 -59.93 15.24
N GLU A 32 -19.46 -59.63 14.91
CA GLU A 32 -19.78 -58.31 14.38
C GLU A 32 -19.55 -57.23 15.44
N ILE A 33 -19.90 -57.55 16.69
CA ILE A 33 -19.60 -56.65 17.81
C ILE A 33 -18.10 -56.43 17.90
N GLU A 34 -17.33 -57.53 17.88
CA GLU A 34 -15.87 -57.40 17.95
C GLU A 34 -15.34 -56.51 16.83
N ARG A 35 -15.87 -56.69 15.62
CA ARG A 35 -15.48 -55.88 14.49
C ARG A 35 -15.77 -54.41 14.76
N LEU A 36 -16.99 -54.10 15.20
CA LEU A 36 -17.33 -52.70 15.46
C LEU A 36 -16.43 -52.12 16.52
N GLU A 37 -16.12 -52.89 17.56
CA GLU A 37 -15.21 -52.39 18.58
C GLU A 37 -13.84 -52.09 17.97
N GLU A 38 -13.43 -52.88 16.98
CA GLU A 38 -12.14 -52.64 16.34
C GLU A 38 -12.17 -51.36 15.50
N GLN A 39 -13.23 -51.21 14.70
CA GLN A 39 -13.40 -49.99 13.90
C GLN A 39 -13.53 -48.74 14.78
N LEU A 40 -14.14 -48.86 15.97
CA LEU A 40 -14.12 -47.77 16.92
C LEU A 40 -12.73 -47.56 17.49
N SER A 41 -11.96 -48.64 17.64
CA SER A 41 -10.57 -48.49 18.09
C SER A 41 -9.75 -47.69 17.10
N ILE A 42 -10.09 -47.76 15.81
CA ILE A 42 -9.39 -46.91 14.86
C ILE A 42 -10.08 -45.53 14.73
N ASN A 43 -11.36 -45.50 14.35
CA ASN A 43 -12.09 -44.24 14.15
C ASN A 43 -13.17 -44.06 15.22
N VAL A 44 -12.82 -43.39 16.33
CA VAL A 44 -13.77 -43.20 17.44
C VAL A 44 -14.89 -42.22 17.11
N TYR A 45 -14.78 -41.46 16.01
CA TYR A 45 -15.83 -40.49 15.65
CA TYR A 45 -15.80 -40.48 15.62
C TYR A 45 -16.75 -41.04 14.58
N ASP A 46 -17.14 -42.30 14.71
CA ASP A 46 -18.07 -42.97 13.79
C ASP A 46 -19.41 -43.12 14.52
N TYR A 47 -20.37 -42.26 14.18
CA TYR A 47 -21.66 -42.25 14.88
C TYR A 47 -22.46 -43.53 14.65
N ASN A 48 -22.68 -43.88 13.37
CA ASN A 48 -23.44 -45.09 13.04
C ASN A 48 -22.81 -46.34 13.62
N CYS A 49 -21.48 -46.35 13.75
CA CYS A 49 -20.82 -47.48 14.35
C CYS A 49 -21.25 -47.63 15.81
N HIS A 50 -21.38 -46.50 16.52
CA HIS A 50 -21.87 -46.55 17.90
C HIS A 50 -23.32 -47.02 18.00
N VAL A 51 -24.23 -46.48 17.18
CA VAL A 51 -25.60 -46.96 17.30
C VAL A 51 -25.66 -48.46 17.02
N ASP A 52 -24.88 -48.93 16.03
CA ASP A 52 -24.89 -50.35 15.71
C ASP A 52 -24.29 -51.18 16.84
N LEU A 53 -23.13 -50.78 17.34
CA LEU A 53 -22.51 -51.46 18.47
C LEU A 53 -23.51 -51.59 19.62
N ILE A 54 -24.20 -50.51 19.94
CA ILE A 54 -25.13 -50.57 21.05
C ILE A 54 -26.28 -51.50 20.72
N ARG A 55 -26.78 -51.44 19.48
CA ARG A 55 -27.84 -52.37 19.05
C ARG A 55 -27.47 -53.79 19.39
N LEU A 56 -26.25 -54.18 18.98
CA LEU A 56 -25.83 -55.57 19.04
C LEU A 56 -25.58 -55.98 20.49
N LEU A 57 -24.88 -55.13 21.24
CA LEU A 57 -24.66 -55.41 22.64
C LEU A 57 -25.97 -55.57 23.39
N ARG A 58 -27.00 -54.83 22.98
CA ARG A 58 -28.30 -55.00 23.60
C ARG A 58 -28.91 -56.35 23.25
N LEU A 59 -28.87 -56.70 21.95
CA LEU A 59 -29.38 -57.99 21.51
C LEU A 59 -28.73 -59.14 22.25
N GLU A 60 -27.46 -58.98 22.62
CA GLU A 60 -26.67 -59.97 23.34
C GLU A 60 -26.89 -59.94 24.85
N GLY A 61 -27.56 -58.92 25.37
CA GLY A 61 -27.81 -58.87 26.80
C GLY A 61 -26.62 -58.44 27.63
N GLU A 62 -25.56 -57.93 27.00
CA GLU A 62 -24.36 -57.47 27.70
C GLU A 62 -24.65 -56.16 28.40
N LEU A 63 -25.42 -56.17 29.50
CA LEU A 63 -25.96 -54.94 30.06
C LEU A 63 -24.87 -53.91 30.36
N THR A 64 -23.82 -54.34 31.06
CA THR A 64 -22.76 -53.42 31.47
C THR A 64 -22.06 -52.80 30.26
N LYS A 65 -21.80 -53.61 29.23
CA LYS A 65 -21.13 -53.12 28.03
C LYS A 65 -22.02 -52.22 27.22
N VAL A 66 -23.34 -52.48 27.26
CA VAL A 66 -24.30 -51.56 26.67
C VAL A 66 -24.24 -50.20 27.35
N ARG A 67 -24.19 -50.21 28.67
CA ARG A 67 -24.23 -48.93 29.36
C ARG A 67 -22.98 -48.11 29.11
N MET A 68 -21.79 -48.71 29.14
CA MET A 68 -20.68 -47.79 28.87
C MET A 68 -20.39 -47.60 27.38
N ALA A 69 -20.93 -48.44 26.50
CA ALA A 69 -20.99 -48.02 25.10
C ALA A 69 -21.85 -46.77 24.97
N ARG A 70 -22.98 -46.75 25.67
CA ARG A 70 -23.83 -45.57 25.70
C ARG A 70 -23.08 -44.37 26.27
N GLN A 71 -22.30 -44.57 27.34
CA GLN A 71 -21.58 -43.45 27.95
C GLN A 71 -20.53 -42.86 27.02
N LYS A 72 -19.72 -43.70 26.37
CA LYS A 72 -18.71 -43.15 25.47
C LYS A 72 -19.35 -42.45 24.28
N MET A 73 -20.42 -43.03 23.73
CA MET A 73 -21.07 -42.34 22.64
C MET A 73 -21.66 -41.01 23.08
N SER A 74 -22.26 -40.97 24.26
CA SER A 74 -22.90 -39.74 24.72
C SER A 74 -21.87 -38.69 25.05
N GLU A 75 -20.62 -39.08 25.28
CA GLU A 75 -19.60 -38.07 25.41
C GLU A 75 -19.01 -37.65 24.09
N ILE A 76 -19.07 -38.49 23.07
CA ILE A 76 -18.59 -38.03 21.77
C ILE A 76 -19.65 -37.16 21.11
N PHE A 77 -20.88 -37.65 21.01
CA PHE A 77 -21.86 -36.89 20.25
C PHE A 77 -22.98 -36.32 21.10
N PRO A 78 -23.71 -35.36 20.56
CA PRO A 78 -25.04 -35.08 21.09
C PRO A 78 -25.96 -36.21 20.69
N LEU A 79 -26.80 -36.65 21.62
CA LEU A 79 -27.76 -37.68 21.30
C LEU A 79 -29.08 -37.04 20.94
N THR A 80 -29.75 -37.58 19.93
CA THR A 80 -31.07 -37.10 19.59
C THR A 80 -32.03 -37.42 20.75
N GLU A 81 -33.27 -36.92 20.65
CA GLU A 81 -34.21 -37.17 21.72
C GLU A 81 -34.49 -38.67 21.85
N GLU A 82 -34.56 -39.37 20.71
CA GLU A 82 -34.96 -40.78 20.73
C GLU A 82 -33.91 -41.66 21.39
N LEU A 83 -32.63 -41.46 21.04
CA LEU A 83 -31.57 -42.25 21.65
C LEU A 83 -31.56 -42.06 23.15
N TRP A 84 -31.67 -40.80 23.60
CA TRP A 84 -31.76 -40.49 25.02
C TRP A 84 -32.94 -41.21 25.64
N LEU A 85 -34.06 -41.30 24.91
CA LEU A 85 -35.25 -41.96 25.45
C LEU A 85 -35.02 -43.46 25.59
N GLU A 86 -34.33 -44.08 24.62
CA GLU A 86 -34.01 -45.50 24.76
C GLU A 86 -33.17 -45.75 25.98
N TRP A 87 -32.09 -44.99 26.13
CA TRP A 87 -31.24 -45.19 27.29
C TRP A 87 -32.02 -44.97 28.58
N LEU A 88 -32.83 -43.92 28.62
CA LEU A 88 -33.56 -43.59 29.84
C LEU A 88 -34.56 -44.69 30.18
N HIS A 89 -35.32 -45.14 29.18
CA HIS A 89 -36.26 -46.22 29.40
C HIS A 89 -35.57 -47.49 29.88
N ASP A 90 -34.43 -47.84 29.27
CA ASP A 90 -33.68 -49.02 29.71
C ASP A 90 -33.20 -48.88 31.15
N GLU A 91 -32.66 -47.72 31.52
CA GLU A 91 -32.18 -47.58 32.89
C GLU A 91 -33.34 -47.59 33.87
N ILE A 92 -34.48 -47.04 33.47
CA ILE A 92 -35.65 -46.97 34.33
C ILE A 92 -36.23 -48.36 34.52
N SER A 93 -36.42 -49.09 33.42
CA SER A 93 -37.01 -50.42 33.51
C SER A 93 -36.03 -51.46 34.08
N MET A 94 -34.86 -51.00 34.51
CA MET A 94 -33.79 -51.83 35.04
C MET A 94 -33.37 -51.32 36.41
N ALA A 95 -34.14 -50.39 36.99
CA ALA A 95 -33.78 -49.68 38.21
C ALA A 95 -34.55 -50.34 39.35
N GLN A 96 -33.83 -50.90 40.33
CA GLN A 96 -34.45 -51.77 41.31
C GLN A 96 -34.33 -51.28 42.75
N ASP A 97 -33.70 -50.13 42.99
CA ASP A 97 -33.55 -49.56 44.34
C ASP A 97 -33.59 -48.04 44.23
N GLY A 98 -33.43 -47.37 45.37
CA GLY A 98 -33.42 -45.90 45.36
C GLY A 98 -32.15 -45.29 44.80
N LEU A 99 -31.02 -45.98 44.95
CA LEU A 99 -29.77 -45.50 44.35
C LEU A 99 -29.90 -45.43 42.83
N ASP A 100 -30.55 -46.42 42.24
CA ASP A 100 -30.86 -46.33 40.82
C ASP A 100 -31.79 -45.14 40.56
N ARG A 101 -32.66 -44.79 41.50
CA ARG A 101 -33.52 -43.63 41.27
C ARG A 101 -32.69 -42.38 41.14
N GLU A 102 -31.79 -42.15 42.10
CA GLU A 102 -30.95 -40.95 42.04
C GLU A 102 -30.04 -40.96 40.80
N HIS A 103 -29.53 -42.14 40.42
CA HIS A 103 -28.70 -42.26 39.22
C HIS A 103 -29.51 -42.00 37.96
N VAL A 104 -30.75 -42.48 37.91
CA VAL A 104 -31.61 -42.17 36.77
C VAL A 104 -31.81 -40.66 36.68
N TYR A 105 -31.99 -39.99 37.85
CA TYR A 105 -32.10 -38.53 37.85
C TYR A 105 -30.87 -37.91 37.20
N ASP A 106 -29.67 -38.27 37.67
CA ASP A 106 -28.44 -37.82 37.01
C ASP A 106 -28.48 -38.04 35.51
N LEU A 107 -29.00 -39.18 35.08
CA LEU A 107 -29.03 -39.45 33.65
C LEU A 107 -29.96 -38.47 32.95
N PHE A 108 -31.10 -38.16 33.57
CA PHE A 108 -31.99 -37.15 33.01
C PHE A 108 -31.29 -35.81 32.94
N GLU A 109 -30.63 -35.42 34.04
CA GLU A 109 -29.87 -34.18 34.08
C GLU A 109 -28.89 -34.07 32.92
N LYS A 110 -28.23 -35.19 32.58
CA LYS A 110 -27.34 -35.18 31.41
C LYS A 110 -28.13 -35.18 30.10
N ALA A 111 -29.34 -35.74 30.11
CA ALA A 111 -30.08 -35.95 28.87
C ALA A 111 -30.57 -34.64 28.30
N VAL A 112 -30.96 -33.71 29.18
CA VAL A 112 -31.60 -32.47 28.72
C VAL A 112 -30.60 -31.49 28.09
N LYS A 113 -29.31 -31.61 28.38
CA LYS A 113 -28.33 -30.61 27.95
C LYS A 113 -28.22 -30.49 26.43
N ASP A 114 -28.25 -31.62 25.71
CA ASP A 114 -27.90 -31.65 24.28
C ASP A 114 -28.82 -30.78 23.43
N TYR A 115 -30.08 -31.16 23.22
CA TYR A 115 -31.00 -30.34 22.42
C TYR A 115 -32.26 -30.06 23.24
N ILE A 116 -33.20 -29.31 22.65
CA ILE A 116 -34.50 -29.09 23.29
C ILE A 116 -35.28 -30.40 23.23
N CYS A 117 -35.88 -30.78 24.35
CA CYS A 117 -36.34 -32.16 24.56
C CYS A 117 -37.63 -32.16 25.39
N PRO A 118 -38.74 -31.81 24.75
CA PRO A 118 -40.03 -31.83 25.50
C PRO A 118 -40.40 -33.20 26.04
N ASN A 119 -40.31 -34.26 25.21
CA ASN A 119 -40.67 -35.59 25.67
C ASN A 119 -39.82 -36.01 26.85
N ILE A 120 -38.52 -35.74 26.79
CA ILE A 120 -37.64 -36.10 27.89
C ILE A 120 -38.04 -35.35 29.16
N TRP A 121 -38.45 -34.08 29.03
CA TRP A 121 -38.87 -33.31 30.20
C TRP A 121 -40.15 -33.88 30.80
N LEU A 122 -41.08 -34.29 29.94
CA LEU A 122 -42.29 -34.95 30.40
C LEU A 122 -41.95 -36.24 31.15
N GLU A 123 -41.13 -37.10 30.55
CA GLU A 123 -40.73 -38.35 31.18
C GLU A 123 -40.02 -38.09 32.49
N TYR A 124 -39.16 -37.08 32.52
CA TYR A 124 -38.44 -36.74 33.73
C TYR A 124 -39.43 -36.42 34.85
N GLY A 125 -40.49 -35.67 34.53
CA GLY A 125 -41.49 -35.34 35.54
C GLY A 125 -42.25 -36.57 36.01
N GLN A 126 -42.81 -37.33 35.06
CA GLN A 126 -43.61 -38.49 35.42
C GLN A 126 -42.81 -39.47 36.26
N TYR A 127 -41.59 -39.76 35.83
CA TYR A 127 -40.75 -40.64 36.63
C TYR A 127 -40.48 -40.02 37.99
N SER A 128 -40.32 -38.70 38.06
CA SER A 128 -40.03 -38.12 39.37
C SER A 128 -41.20 -38.30 40.34
N VAL A 129 -42.41 -38.53 39.81
CA VAL A 129 -43.55 -38.74 40.71
C VAL A 129 -43.34 -39.96 41.61
N GLY A 130 -42.56 -40.96 41.16
CA GLY A 130 -42.36 -42.13 41.98
C GLY A 130 -41.65 -41.86 43.30
N GLY A 131 -40.99 -40.72 43.43
CA GLY A 131 -40.23 -40.38 44.62
C GLY A 131 -41.01 -39.68 45.71
N ILE A 132 -42.32 -39.46 45.52
CA ILE A 132 -43.10 -38.64 46.45
C ILE A 132 -43.03 -39.19 47.87
N GLY A 133 -43.46 -40.44 48.06
CA GLY A 133 -43.51 -40.99 49.41
C GLY A 133 -42.22 -40.81 50.19
N GLN A 134 -41.10 -41.20 49.61
CA GLN A 134 -39.82 -41.21 50.29
C GLN A 134 -39.05 -39.94 49.97
N LYS A 135 -37.86 -39.84 50.57
CA LYS A 135 -36.82 -38.86 50.24
C LYS A 135 -37.31 -37.38 50.25
N GLY A 136 -38.50 -37.07 50.78
CA GLY A 136 -38.88 -35.66 50.86
C GLY A 136 -38.97 -34.97 49.51
N GLY A 137 -39.30 -35.71 48.46
CA GLY A 137 -39.17 -35.30 47.08
C GLY A 137 -40.49 -35.03 46.40
N LEU A 138 -41.47 -34.59 47.16
CA LEU A 138 -42.65 -33.98 46.55
C LEU A 138 -42.27 -32.65 45.90
N GLU A 139 -41.45 -31.86 46.58
CA GLU A 139 -40.91 -30.65 45.97
C GLU A 139 -40.17 -30.97 44.68
N LYS A 140 -39.53 -32.16 44.60
CA LYS A 140 -38.76 -32.55 43.42
C LYS A 140 -39.61 -32.55 42.16
N VAL A 141 -40.83 -33.10 42.24
CA VAL A 141 -41.71 -33.14 41.07
C VAL A 141 -41.94 -31.74 40.55
N ARG A 142 -42.22 -30.81 41.46
CA ARG A 142 -42.44 -29.41 41.08
C ARG A 142 -41.18 -28.77 40.51
N SER A 143 -40.01 -29.17 41.02
CA SER A 143 -38.76 -28.70 40.45
C SER A 143 -38.66 -29.13 38.99
N VAL A 144 -38.86 -30.43 38.74
CA VAL A 144 -38.74 -30.94 37.39
C VAL A 144 -39.74 -30.28 36.46
N PHE A 145 -40.98 -30.10 36.91
CA PHE A 145 -41.96 -29.50 36.02
C PHE A 145 -41.73 -28.00 35.82
N GLU A 146 -41.26 -27.30 36.85
CA GLU A 146 -40.97 -25.89 36.66
C GLU A 146 -39.85 -25.72 35.63
N ARG A 147 -38.80 -26.52 35.74
CA ARG A 147 -37.69 -26.45 34.77
C ARG A 147 -38.14 -26.91 33.39
N ALA A 148 -39.02 -27.90 33.35
CA ALA A 148 -39.60 -28.32 32.08
C ALA A 148 -40.31 -27.15 31.43
N LEU A 149 -40.98 -26.31 32.24
CA LEU A 149 -41.66 -25.13 31.72
C LEU A 149 -40.67 -24.09 31.22
N SER A 150 -39.64 -23.78 32.03
CA SER A 150 -38.62 -22.82 31.64
C SER A 150 -38.04 -23.16 30.27
N SER A 151 -37.83 -24.45 30.00
CA SER A 151 -37.35 -24.84 28.67
C SER A 151 -38.47 -24.77 27.64
N VAL A 152 -39.46 -25.64 27.75
CA VAL A 152 -40.44 -25.77 26.68
C VAL A 152 -41.84 -25.31 27.09
N GLY A 153 -42.00 -24.69 28.27
CA GLY A 153 -43.32 -24.22 28.65
C GLY A 153 -43.93 -23.25 27.65
N LEU A 154 -43.08 -22.54 26.90
CA LEU A 154 -43.52 -21.60 25.87
C LEU A 154 -43.67 -22.25 24.50
N HIS A 155 -43.27 -23.53 24.38
CA HIS A 155 -43.26 -24.22 23.10
C HIS A 155 -44.66 -24.28 22.53
N MET A 156 -44.81 -23.78 21.30
CA MET A 156 -46.13 -23.55 20.75
C MET A 156 -46.97 -24.82 20.69
N THR A 157 -46.34 -25.96 20.35
CA THR A 157 -47.10 -27.18 20.08
C THR A 157 -46.94 -28.28 21.12
N LYS A 158 -45.73 -28.45 21.64
CA LYS A 158 -45.45 -29.51 22.63
C LYS A 158 -45.52 -29.16 24.13
N GLY A 159 -45.58 -27.87 24.46
CA GLY A 159 -45.65 -27.46 25.86
C GLY A 159 -46.98 -27.79 26.52
N LEU A 160 -48.07 -27.75 25.76
CA LEU A 160 -49.38 -28.03 26.32
C LEU A 160 -49.37 -29.38 27.03
N ALA A 161 -48.70 -30.37 26.44
CA ALA A 161 -48.56 -31.67 27.09
C ALA A 161 -47.98 -31.53 28.49
N LEU A 162 -46.99 -30.67 28.64
CA LEU A 162 -46.32 -30.51 29.92
C LEU A 162 -47.18 -29.76 30.93
N TRP A 163 -47.83 -28.68 30.51
CA TRP A 163 -48.78 -28.03 31.40
C TRP A 163 -49.81 -29.05 31.89
N GLU A 164 -50.42 -29.78 30.97
CA GLU A 164 -51.46 -30.74 31.31
C GLU A 164 -50.95 -31.74 32.34
N ALA A 165 -49.78 -32.32 32.09
CA ALA A 165 -49.22 -33.28 33.05
C ALA A 165 -48.99 -32.63 34.41
N TYR A 166 -48.46 -31.41 34.43
CA TYR A 166 -48.21 -30.69 35.68
C TYR A 166 -49.49 -30.50 36.48
N ARG A 167 -50.56 -30.04 35.81
CA ARG A 167 -51.84 -29.87 36.48
C ARG A 167 -52.45 -31.19 36.91
N GLU A 168 -52.20 -32.26 36.14
CA GLU A 168 -52.67 -33.59 36.55
C GLU A 168 -52.05 -34.00 37.87
N PHE A 169 -50.75 -33.84 37.99
CA PHE A 169 -50.14 -34.23 39.23
C PHE A 169 -50.63 -33.38 40.37
N GLU A 170 -50.71 -32.09 40.17
CA GLU A 170 -51.16 -31.21 41.25
C GLU A 170 -52.60 -31.43 41.63
N SER A 171 -53.42 -31.76 40.65
CA SER A 171 -54.80 -32.08 40.87
C SER A 171 -55.00 -33.33 41.69
N ALA A 172 -54.22 -34.36 41.42
CA ALA A 172 -54.35 -35.62 42.13
C ALA A 172 -53.81 -35.66 43.54
N ILE A 173 -53.05 -34.66 43.92
CA ILE A 173 -52.52 -34.55 45.27
C ILE A 173 -53.10 -33.28 45.88
N VAL A 174 -54.32 -32.91 45.52
CA VAL A 174 -54.95 -31.66 45.93
C VAL A 174 -55.25 -31.42 47.39
N GLU A 175 -55.19 -32.47 48.19
CA GLU A 175 -55.47 -32.43 49.62
C GLU A 175 -56.86 -31.96 49.85
N ALA A 176 -57.07 -30.99 50.74
CA ALA A 176 -58.42 -30.55 51.12
C ALA A 176 -59.10 -29.54 50.23
N ALA A 177 -59.03 -29.76 48.92
CA ALA A 177 -59.59 -28.90 47.89
C ALA A 177 -59.10 -27.46 47.99
N ARG A 178 -57.84 -27.24 48.39
CA ARG A 178 -57.36 -25.89 48.51
C ARG A 178 -57.33 -25.34 47.10
N LEU A 179 -56.78 -26.11 46.18
CA LEU A 179 -56.74 -25.81 44.76
C LEU A 179 -56.06 -24.55 44.30
N GLU A 180 -55.12 -24.04 45.07
CA GLU A 180 -54.42 -22.88 44.58
C GLU A 180 -53.27 -23.35 43.76
N LYS A 181 -52.96 -24.64 43.71
CA LYS A 181 -51.89 -25.01 42.79
C LYS A 181 -52.42 -25.18 41.37
N VAL A 182 -53.62 -25.75 41.25
CA VAL A 182 -54.25 -25.98 39.96
C VAL A 182 -54.74 -24.67 39.35
N HIS A 183 -55.37 -23.83 40.18
CA HIS A 183 -55.85 -22.53 39.74
C HIS A 183 -54.72 -21.69 39.17
N SER A 184 -53.61 -21.62 39.92
CA SER A 184 -52.47 -20.84 39.47
C SER A 184 -51.92 -21.39 38.16
N LEU A 185 -51.77 -22.72 38.05
CA LEU A 185 -51.22 -23.29 36.82
C LEU A 185 -52.09 -22.98 35.60
N PHE A 186 -53.41 -23.15 35.73
CA PHE A 186 -54.29 -22.75 34.63
C PHE A 186 -54.07 -21.28 34.26
N ARG A 187 -53.99 -20.43 35.29
CA ARG A 187 -53.84 -19.01 35.02
C ARG A 187 -52.52 -18.69 34.35
N ARG A 188 -51.47 -19.49 34.59
CA ARG A 188 -50.20 -19.23 33.93
C ARG A 188 -50.21 -19.72 32.49
N GLN A 189 -50.85 -20.86 32.22
CA GLN A 189 -50.92 -21.33 30.84
C GLN A 189 -51.78 -20.40 29.98
N LEU A 190 -52.89 -19.92 30.54
CA LEU A 190 -53.76 -19.09 29.72
C LEU A 190 -53.09 -17.78 29.32
N ALA A 191 -52.11 -17.29 30.08
CA ALA A 191 -51.44 -16.05 29.74
C ALA A 191 -50.39 -16.22 28.66
N ILE A 192 -50.30 -17.39 28.05
CA ILE A 192 -49.26 -17.69 27.07
C ILE A 192 -49.88 -18.31 25.81
N PRO A 193 -49.41 -17.94 24.61
CA PRO A 193 -50.01 -18.44 23.36
C PRO A 193 -49.56 -19.85 23.05
N LEU A 194 -50.37 -20.83 23.44
CA LEU A 194 -50.13 -22.21 23.10
C LEU A 194 -51.27 -22.71 22.23
N TYR A 195 -51.06 -23.85 21.57
CA TYR A 195 -52.09 -24.37 20.68
C TYR A 195 -53.33 -24.85 21.42
N ASP A 196 -54.49 -24.49 20.88
CA ASP A 196 -55.81 -24.83 21.44
C ASP A 196 -55.88 -24.58 22.95
N MET A 197 -55.54 -23.34 23.31
CA MET A 197 -55.73 -22.88 24.67
C MET A 197 -57.20 -22.56 24.88
N GLU A 198 -57.88 -22.16 23.80
CA GLU A 198 -59.33 -22.00 23.78
C GLU A 198 -60.00 -23.19 24.46
N ALA A 199 -59.48 -24.40 24.16
CA ALA A 199 -59.98 -25.61 24.79
C ALA A 199 -59.71 -25.60 26.29
N THR A 200 -58.49 -25.24 26.70
CA THR A 200 -58.19 -25.12 28.13
C THR A 200 -58.87 -23.92 28.77
N PHE A 201 -59.04 -22.80 28.05
CA PHE A 201 -59.79 -21.71 28.65
C PHE A 201 -61.19 -22.18 29.05
N ALA A 202 -61.84 -22.96 28.17
CA ALA A 202 -63.13 -23.55 28.50
C ALA A 202 -63.02 -24.49 29.70
N GLU A 203 -62.02 -25.36 29.66
CA GLU A 203 -61.85 -26.35 30.69
C GLU A 203 -61.72 -25.67 32.01
N TYR A 204 -61.00 -24.57 32.03
CA TYR A 204 -60.83 -23.86 33.29
C TYR A 204 -62.14 -23.32 33.81
N GLU A 205 -62.96 -22.73 32.95
CA GLU A 205 -64.21 -22.16 33.38
C GLU A 205 -65.11 -23.23 33.95
N GLU A 206 -65.14 -24.34 33.25
CA GLU A 206 -65.93 -25.43 33.70
C GLU A 206 -65.37 -25.90 35.02
N TRP A 207 -64.06 -26.03 35.14
CA TRP A 207 -63.43 -26.45 36.39
C TRP A 207 -63.56 -25.46 37.53
N SER A 208 -63.47 -24.18 37.22
CA SER A 208 -63.50 -23.18 38.25
C SER A 208 -64.87 -22.96 38.86
N GLU A 209 -64.91 -23.10 40.17
CA GLU A 209 -66.10 -22.85 40.96
C GLU A 209 -66.39 -21.37 40.93
N ASP A 210 -65.32 -20.58 41.03
CA ASP A 210 -65.37 -19.14 41.04
C ASP A 210 -65.38 -18.57 39.65
N PRO A 211 -65.06 -17.30 39.55
CA PRO A 211 -65.10 -16.61 38.29
C PRO A 211 -63.72 -16.36 37.79
N ILE A 212 -63.48 -16.57 36.50
CA ILE A 212 -62.16 -16.30 35.97
C ILE A 212 -61.93 -14.82 36.18
N PRO A 213 -60.79 -14.45 36.69
CA PRO A 213 -60.54 -13.05 37.00
C PRO A 213 -60.41 -12.17 35.79
N GLU A 214 -60.62 -10.88 36.01
CA GLU A 214 -60.51 -9.92 34.96
C GLU A 214 -59.09 -9.89 34.41
N SER A 215 -58.10 -9.95 35.29
CA SER A 215 -56.70 -9.88 34.88
C SER A 215 -56.18 -10.96 33.95
N VAL A 216 -56.50 -12.21 34.20
CA VAL A 216 -56.08 -13.29 33.29
C VAL A 216 -56.82 -13.27 31.94
N ILE A 217 -58.01 -12.71 31.94
CA ILE A 217 -58.79 -12.63 30.75
C ILE A 217 -58.07 -11.80 29.72
N GLN A 218 -57.51 -10.67 30.11
CA GLN A 218 -56.81 -9.85 29.15
C GLN A 218 -55.59 -10.58 28.60
N ASN A 219 -54.85 -11.23 29.50
CA ASN A 219 -53.69 -12.06 29.12
C ASN A 219 -54.06 -13.19 28.16
N TYR A 220 -55.17 -13.88 28.44
CA TYR A 220 -55.64 -14.88 27.50
C TYR A 220 -55.94 -14.28 26.13
N ASN A 221 -56.53 -13.08 26.10
CA ASN A 221 -56.88 -12.45 24.82
C ASN A 221 -55.64 -11.94 24.08
N LYS A 222 -54.65 -11.41 24.81
CA LYS A 222 -53.38 -11.06 24.19
C LYS A 222 -52.67 -12.29 23.68
N ALA A 223 -52.81 -13.41 24.40
CA ALA A 223 -52.24 -14.67 23.93
C ALA A 223 -52.92 -15.10 22.64
N LEU A 224 -54.23 -14.96 22.55
CA LEU A 224 -54.93 -15.23 21.29
C LEU A 224 -54.35 -14.38 20.17
N GLN A 225 -54.14 -13.09 20.45
CA GLN A 225 -53.56 -12.18 19.49
C GLN A 225 -52.22 -12.72 18.96
N GLN A 226 -51.29 -13.07 19.86
CA GLN A 226 -49.97 -13.52 19.38
C GLN A 226 -50.01 -14.92 18.80
N LEU A 227 -50.92 -15.79 19.25
CA LEU A 227 -51.08 -17.10 18.61
C LEU A 227 -51.51 -16.94 17.16
N GLU A 228 -52.56 -16.16 16.92
CA GLU A 228 -52.99 -15.90 15.55
C GLU A 228 -51.87 -15.21 14.78
N LYS A 229 -51.03 -14.45 15.48
CA LYS A 229 -49.86 -13.83 14.86
C LYS A 229 -48.89 -14.90 14.36
N TYR A 230 -48.67 -15.95 15.16
CA TYR A 230 -47.66 -16.97 14.88
C TYR A 230 -48.16 -18.10 14.00
N LYS A 231 -49.47 -18.24 13.81
CA LYS A 231 -50.01 -19.32 13.00
C LYS A 231 -49.31 -19.50 11.66
N PRO A 232 -49.20 -18.48 10.79
CA PRO A 232 -48.62 -18.74 9.45
C PRO A 232 -47.18 -19.23 9.50
N TYR A 233 -46.42 -18.90 10.55
CA TYR A 233 -45.06 -19.38 10.69
C TYR A 233 -45.02 -20.84 11.14
N GLU A 234 -45.86 -21.22 12.11
CA GLU A 234 -45.96 -22.62 12.53
C GLU A 234 -46.42 -23.51 11.36
N GLU A 235 -47.44 -23.04 10.63
CA GLU A 235 -47.87 -23.73 9.41
C GLU A 235 -46.79 -23.64 8.34
N ALA A 236 -45.94 -22.62 8.38
CA ALA A 236 -44.79 -22.62 7.47
C ALA A 236 -43.89 -23.81 7.76
N LEU A 237 -43.66 -24.10 9.05
CA LEU A 237 -42.90 -25.31 9.39
C LEU A 237 -43.64 -26.57 8.94
N LEU A 238 -44.96 -26.63 9.20
CA LEU A 238 -45.71 -27.86 8.92
C LEU A 238 -45.82 -28.12 7.40
N GLN A 239 -46.20 -27.10 6.64
CA GLN A 239 -46.34 -27.25 5.19
C GLN A 239 -45.03 -27.62 4.52
N ALA A 240 -43.94 -27.02 4.99
CA ALA A 240 -42.60 -27.37 4.54
C ALA A 240 -42.19 -28.76 5.04
N GLU A 241 -41.24 -29.36 4.35
CA GLU A 241 -40.70 -30.67 4.67
C GLU A 241 -39.40 -30.45 5.43
N ALA A 242 -39.11 -31.31 6.38
CA ALA A 242 -37.92 -31.11 7.21
C ALA A 242 -36.51 -31.25 6.75
N PRO A 243 -35.71 -30.19 6.89
CA PRO A 243 -35.51 -29.50 8.16
C PRO A 243 -36.08 -28.09 8.20
N ARG A 244 -36.79 -27.70 7.15
CA ARG A 244 -37.37 -26.38 7.08
C ARG A 244 -36.44 -25.29 7.49
N LEU A 245 -35.23 -25.34 6.99
CA LEU A 245 -34.24 -24.38 7.37
C LEU A 245 -34.67 -23.02 7.01
N ALA A 246 -35.19 -22.82 5.80
CA ALA A 246 -35.62 -21.49 5.43
C ALA A 246 -36.76 -21.03 6.30
N GLU A 247 -37.69 -21.95 6.48
CA GLU A 247 -38.88 -21.70 7.26
C GLU A 247 -38.44 -21.41 8.66
N TYR A 248 -37.48 -22.18 9.12
CA TYR A 248 -36.93 -21.87 10.44
C TYR A 248 -36.16 -20.56 10.42
N GLN A 249 -35.48 -20.26 9.31
CA GLN A 249 -34.74 -18.99 9.24
C GLN A 249 -35.70 -17.81 9.17
N ALA A 250 -36.77 -17.94 8.40
CA ALA A 250 -37.78 -16.89 8.38
C ALA A 250 -38.42 -16.72 9.76
N TYR A 251 -38.75 -17.84 10.42
CA TYR A 251 -39.37 -17.77 11.73
C TYR A 251 -38.44 -17.09 12.74
N ILE A 252 -37.17 -17.51 12.74
CA ILE A 252 -36.17 -16.86 13.59
C ILE A 252 -36.15 -15.36 13.29
N ASP A 253 -36.19 -15.00 12.00
CA ASP A 253 -36.17 -13.59 11.64
C ASP A 253 -37.32 -12.83 12.31
N PHE A 254 -38.56 -13.33 12.14
CA PHE A 254 -39.72 -12.69 12.76
C PHE A 254 -39.60 -12.56 14.27
N GLU A 255 -39.33 -13.69 14.95
CA GLU A 255 -39.25 -13.68 16.41
C GLU A 255 -38.19 -12.70 16.90
N MET A 256 -37.07 -12.61 16.16
CA MET A 256 -36.00 -11.69 16.51
C MET A 256 -36.40 -10.25 16.26
N LYS A 257 -37.27 -10.00 15.27
CA LYS A 257 -37.82 -8.66 15.08
C LYS A 257 -38.76 -8.30 16.23
N ILE A 258 -39.49 -9.28 16.79
CA ILE A 258 -40.29 -8.99 17.98
C ILE A 258 -39.38 -8.85 19.19
N GLY A 259 -38.25 -9.53 19.19
CA GLY A 259 -37.19 -9.26 20.15
C GLY A 259 -37.40 -9.75 21.56
N ASP A 260 -38.28 -10.74 21.76
CA ASP A 260 -38.42 -11.35 23.09
C ASP A 260 -37.31 -12.38 23.28
N PRO A 261 -36.43 -12.21 24.27
CA PRO A 261 -35.31 -13.16 24.43
C PRO A 261 -35.75 -14.61 24.65
N ALA A 262 -36.76 -14.83 25.49
CA ALA A 262 -37.25 -16.19 25.72
C ALA A 262 -37.73 -16.83 24.42
N ARG A 263 -38.55 -16.11 23.66
CA ARG A 263 -39.18 -16.71 22.49
C ARG A 263 -38.21 -16.91 21.33
N ILE A 264 -37.16 -16.08 21.25
CA ILE A 264 -36.17 -16.26 20.17
C ILE A 264 -35.13 -17.30 20.54
N GLN A 265 -34.78 -17.42 21.81
CA GLN A 265 -34.03 -18.61 22.24
C GLN A 265 -34.81 -19.87 21.88
N LEU A 266 -36.10 -19.90 22.22
CA LEU A 266 -36.94 -21.06 21.91
C LEU A 266 -36.94 -21.36 20.41
N ILE A 267 -37.15 -20.33 19.57
CA ILE A 267 -37.24 -20.63 18.15
C ILE A 267 -35.88 -21.05 17.62
N PHE A 268 -34.81 -20.54 18.22
CA PHE A 268 -33.48 -21.01 17.83
C PHE A 268 -33.27 -22.48 18.15
N GLU A 269 -33.77 -22.92 19.31
CA GLU A 269 -33.58 -24.32 19.70
C GLU A 269 -34.41 -25.24 18.84
N ARG A 270 -35.69 -24.91 18.67
CA ARG A 270 -36.55 -25.68 17.78
C ARG A 270 -35.97 -25.76 16.39
N ALA A 271 -35.36 -24.67 15.93
CA ALA A 271 -34.73 -24.69 14.62
C ALA A 271 -33.49 -25.58 14.61
N LEU A 272 -32.77 -25.61 15.73
CA LEU A 272 -31.52 -26.35 15.79
C LEU A 272 -31.73 -27.85 15.90
N VAL A 273 -32.80 -28.32 16.54
CA VAL A 273 -32.96 -29.77 16.72
C VAL A 273 -33.07 -30.48 15.37
N GLU A 274 -33.68 -29.83 14.39
CA GLU A 274 -33.77 -30.40 13.05
C GLU A 274 -32.59 -29.99 12.17
N ASN A 275 -31.86 -28.96 12.57
CA ASN A 275 -30.81 -28.37 11.76
C ASN A 275 -29.52 -28.25 12.54
N CYS A 276 -29.14 -29.32 13.24
CA CYS A 276 -27.96 -29.20 14.11
C CYS A 276 -26.64 -29.38 13.35
N LEU A 277 -26.69 -29.65 12.05
CA LEU A 277 -25.49 -29.82 11.27
C LEU A 277 -25.18 -28.57 10.45
N VAL A 278 -26.04 -27.56 10.55
CA VAL A 278 -25.92 -26.31 9.80
C VAL A 278 -25.04 -25.35 10.59
N PRO A 279 -23.75 -25.22 10.25
CA PRO A 279 -22.87 -24.44 11.14
C PRO A 279 -23.26 -22.98 11.22
N ASP A 280 -23.74 -22.41 10.10
CA ASP A 280 -24.09 -21.00 10.06
C ASP A 280 -25.26 -20.69 11.00
N LEU A 281 -26.08 -21.69 11.30
CA LEU A 281 -27.15 -21.53 12.27
C LEU A 281 -26.60 -21.42 13.68
N TRP A 282 -25.65 -22.27 14.02
CA TRP A 282 -24.97 -22.16 15.31
C TRP A 282 -24.27 -20.80 15.43
N ILE A 283 -23.76 -20.27 14.31
CA ILE A 283 -23.15 -18.94 14.36
C ILE A 283 -24.21 -17.88 14.61
N ARG A 284 -25.34 -17.98 13.90
CA ARG A 284 -26.41 -17.00 14.11
C ARG A 284 -26.85 -16.96 15.57
N TYR A 285 -27.22 -18.10 16.12
CA TYR A 285 -27.68 -18.16 17.51
C TYR A 285 -26.57 -17.74 18.47
N SER A 286 -25.39 -18.34 18.31
CA SER A 286 -24.23 -18.01 19.14
C SER A 286 -23.97 -16.51 19.17
N GLN A 287 -24.05 -15.88 18.00
CA GLN A 287 -23.82 -14.45 17.89
C GLN A 287 -24.92 -13.65 18.54
N TYR A 288 -26.17 -14.04 18.28
CA TYR A 288 -27.29 -13.35 18.88
C TYR A 288 -27.07 -13.23 20.38
N LEU A 289 -26.74 -14.36 21.02
CA LEU A 289 -26.45 -14.32 22.45
C LEU A 289 -25.20 -13.48 22.73
N ASP A 290 -24.18 -13.63 21.88
CA ASP A 290 -22.89 -12.98 22.12
C ASP A 290 -23.06 -11.45 22.21
N ARG A 291 -23.59 -10.90 21.15
CA ARG A 291 -23.83 -9.47 21.05
C ARG A 291 -24.92 -8.92 21.93
N GLN A 292 -26.05 -9.61 21.93
CA GLN A 292 -27.20 -9.14 22.64
C GLN A 292 -27.59 -9.62 24.02
N LEU A 293 -27.63 -10.92 24.27
CA LEU A 293 -28.07 -11.38 25.58
C LEU A 293 -27.19 -10.98 26.73
N LYS A 294 -25.90 -11.06 26.56
CA LYS A 294 -24.99 -10.60 27.60
C LYS A 294 -25.03 -11.46 28.87
N VAL A 295 -25.16 -12.77 28.67
CA VAL A 295 -25.19 -13.72 29.79
C VAL A 295 -24.10 -14.75 29.58
N LYS A 296 -23.32 -15.03 30.62
CA LYS A 296 -22.24 -16.00 30.49
C LYS A 296 -22.77 -17.41 30.22
N ASP A 297 -23.55 -17.94 31.14
CA ASP A 297 -23.90 -19.35 31.13
C ASP A 297 -24.62 -19.73 29.85
N LEU A 298 -25.48 -18.84 29.35
CA LEU A 298 -26.25 -19.16 28.15
C LEU A 298 -25.37 -19.21 26.93
N VAL A 299 -24.52 -18.20 26.78
CA VAL A 299 -23.73 -18.13 25.56
C VAL A 299 -22.67 -19.22 25.56
N LEU A 300 -22.01 -19.44 26.70
CA LEU A 300 -21.01 -20.50 26.75
C LEU A 300 -21.64 -21.86 26.53
N SER A 301 -22.83 -22.11 27.09
CA SER A 301 -23.56 -23.33 26.74
C SER A 301 -23.71 -23.43 25.22
N VAL A 302 -24.21 -22.38 24.58
CA VAL A 302 -24.48 -22.50 23.15
C VAL A 302 -23.20 -22.69 22.34
N HIS A 303 -22.08 -22.15 22.81
CA HIS A 303 -20.83 -22.35 22.09
C HIS A 303 -20.34 -23.79 22.21
N ASN A 304 -20.32 -24.31 23.44
CA ASN A 304 -19.93 -25.71 23.63
C ASN A 304 -20.80 -26.62 22.78
N ARG A 305 -22.10 -26.45 22.83
CA ARG A 305 -22.98 -27.26 22.00
C ARG A 305 -22.69 -27.06 20.52
N ALA A 306 -22.22 -25.87 20.14
CA ALA A 306 -21.88 -25.63 18.73
C ALA A 306 -20.69 -26.46 18.29
N ILE A 307 -19.61 -26.46 19.08
CA ILE A 307 -18.46 -27.26 18.70
C ILE A 307 -18.73 -28.75 18.88
N ARG A 308 -19.75 -29.14 19.64
CA ARG A 308 -20.05 -30.56 19.65
C ARG A 308 -20.84 -30.96 18.40
N ASN A 309 -21.71 -30.08 17.90
CA ASN A 309 -22.51 -30.50 16.76
C ASN A 309 -21.78 -30.39 15.43
N CYS A 310 -20.94 -29.36 15.26
CA CYS A 310 -20.16 -29.18 14.02
C CYS A 310 -18.72 -28.84 14.38
N PRO A 311 -17.96 -29.80 14.93
CA PRO A 311 -16.60 -29.48 15.37
C PRO A 311 -15.64 -29.21 14.24
N TRP A 312 -16.09 -29.40 12.99
CA TRP A 312 -15.29 -29.27 11.78
C TRP A 312 -15.21 -27.85 11.21
N THR A 313 -15.95 -26.88 11.74
CA THR A 313 -15.85 -25.50 11.25
C THR A 313 -15.06 -24.70 12.28
N VAL A 314 -13.79 -24.43 11.98
CA VAL A 314 -12.85 -23.79 12.89
C VAL A 314 -13.43 -22.51 13.46
N ALA A 315 -14.25 -21.82 12.67
CA ALA A 315 -14.88 -20.58 13.12
C ALA A 315 -15.63 -20.76 14.45
N LEU A 316 -16.37 -21.87 14.62
CA LEU A 316 -17.13 -22.10 15.85
C LEU A 316 -16.20 -22.14 17.07
N TRP A 317 -15.07 -22.81 16.92
CA TRP A 317 -14.06 -22.82 17.97
C TRP A 317 -13.51 -21.43 18.23
N SER A 318 -13.36 -20.63 17.16
CA SER A 318 -12.88 -19.25 17.32
C SER A 318 -13.86 -18.42 18.13
N ARG A 319 -15.10 -18.32 17.65
CA ARG A 319 -16.21 -17.70 18.35
C ARG A 319 -16.21 -18.12 19.82
N TYR A 320 -16.08 -19.43 20.06
CA TYR A 320 -16.16 -20.00 21.39
C TYR A 320 -15.02 -19.51 22.27
N LEU A 321 -13.80 -19.57 21.76
CA LEU A 321 -12.67 -19.02 22.51
C LEU A 321 -12.86 -17.55 22.84
N LEU A 322 -13.36 -16.77 21.87
CA LEU A 322 -13.64 -15.37 22.13
C LEU A 322 -14.68 -15.20 23.24
N ALA A 323 -15.75 -16.00 23.22
CA ALA A 323 -16.72 -15.98 24.30
C ALA A 323 -16.04 -16.24 25.63
N MET A 324 -15.23 -17.29 25.70
CA MET A 324 -14.57 -17.63 26.95
C MET A 324 -13.70 -16.48 27.44
N GLU A 325 -13.01 -15.81 26.50
CA GLU A 325 -12.18 -14.67 26.91
C GLU A 325 -13.04 -13.55 27.45
N ARG A 326 -14.13 -13.24 26.76
CA ARG A 326 -14.99 -12.15 27.16
C ARG A 326 -15.53 -12.36 28.56
N HIS A 327 -15.94 -13.57 28.89
CA HIS A 327 -16.65 -13.82 30.13
C HIS A 327 -15.72 -14.23 31.26
N GLY A 328 -14.43 -13.99 31.10
CA GLY A 328 -13.47 -14.19 32.17
C GLY A 328 -13.32 -15.64 32.57
N VAL A 329 -13.54 -16.57 31.61
CA VAL A 329 -13.34 -17.98 31.87
C VAL A 329 -11.90 -18.22 32.30
N ASP A 330 -11.75 -19.08 33.29
CA ASP A 330 -10.43 -19.41 33.83
C ASP A 330 -9.47 -19.81 32.73
N HIS A 331 -8.19 -19.53 32.95
CA HIS A 331 -7.21 -19.71 31.89
C HIS A 331 -7.16 -21.17 31.42
N GLN A 332 -7.01 -22.11 32.36
CA GLN A 332 -6.75 -23.49 31.97
C GLN A 332 -7.89 -24.07 31.14
N VAL A 333 -9.10 -23.61 31.40
CA VAL A 333 -10.23 -24.04 30.58
C VAL A 333 -10.05 -23.56 29.16
N ILE A 334 -9.62 -22.31 28.99
CA ILE A 334 -9.43 -21.78 27.65
C ILE A 334 -8.34 -22.56 26.92
N SER A 335 -7.21 -22.78 27.61
CA SER A 335 -6.10 -23.56 27.03
C SER A 335 -6.57 -24.93 26.58
N VAL A 336 -7.23 -25.65 27.47
CA VAL A 336 -7.73 -26.99 27.17
C VAL A 336 -8.73 -26.96 26.03
N THR A 337 -9.59 -25.94 25.98
CA THR A 337 -10.53 -25.87 24.88
C THR A 337 -9.78 -25.68 23.57
N PHE A 338 -8.69 -24.90 23.60
CA PHE A 338 -7.88 -24.73 22.42
C PHE A 338 -7.26 -26.05 22.00
N GLU A 339 -6.74 -26.81 22.96
CA GLU A 339 -6.14 -28.11 22.65
C GLU A 339 -7.14 -29.04 22.01
N LYS A 340 -8.35 -29.10 22.58
CA LYS A 340 -9.43 -29.81 21.93
C LYS A 340 -9.62 -29.31 20.51
N ALA A 341 -9.53 -27.99 20.32
CA ALA A 341 -9.74 -27.41 19.00
C ALA A 341 -8.69 -27.92 18.01
N LEU A 342 -7.43 -27.90 18.41
CA LEU A 342 -6.35 -28.47 17.61
C LEU A 342 -6.64 -29.93 17.24
N ASN A 343 -7.05 -30.75 18.23
CA ASN A 343 -7.29 -32.18 18.01
C ASN A 343 -8.52 -32.46 17.17
N ALA A 344 -9.42 -31.49 17.03
CA ALA A 344 -10.55 -31.68 16.13
C ALA A 344 -10.00 -31.87 14.72
N GLY A 345 -10.83 -32.38 13.83
CA GLY A 345 -10.28 -32.54 12.49
C GLY A 345 -10.74 -31.51 11.48
N PHE A 346 -9.90 -30.55 11.05
CA PHE A 346 -10.36 -29.64 9.99
C PHE A 346 -9.79 -30.08 8.65
N ILE A 347 -10.50 -29.71 7.59
CA ILE A 347 -10.22 -30.18 6.22
C ILE A 347 -9.35 -29.20 5.43
N GLN A 348 -8.86 -28.15 6.07
CA GLN A 348 -8.13 -27.13 5.35
C GLN A 348 -6.88 -26.74 6.10
N ALA A 349 -5.82 -26.45 5.35
CA ALA A 349 -4.57 -26.03 5.98
C ALA A 349 -4.73 -24.65 6.63
N THR A 350 -5.49 -23.76 5.99
CA THR A 350 -5.78 -22.42 6.50
C THR A 350 -6.46 -22.42 7.86
N ASP A 351 -7.28 -23.44 8.13
CA ASP A 351 -8.04 -23.48 9.37
C ASP A 351 -7.13 -23.63 10.57
N TYR A 352 -6.02 -24.35 10.44
CA TYR A 352 -5.15 -24.50 11.59
C TYR A 352 -4.44 -23.19 11.90
N VAL A 353 -4.13 -22.42 10.86
CA VAL A 353 -3.62 -21.07 11.06
C VAL A 353 -4.63 -20.23 11.77
N GLU A 354 -5.89 -20.32 11.33
CA GLU A 354 -6.96 -19.52 11.93
C GLU A 354 -7.08 -19.76 13.43
N ILE A 355 -7.21 -21.03 13.84
CA ILE A 355 -7.36 -21.35 15.26
C ILE A 355 -6.09 -21.01 16.04
N TRP A 356 -4.92 -21.28 15.48
CA TRP A 356 -3.69 -20.90 16.15
C TRP A 356 -3.64 -19.39 16.37
N GLN A 357 -4.12 -18.62 15.39
CA GLN A 357 -4.18 -17.19 15.54
C GLN A 357 -5.14 -16.78 16.63
N ALA A 358 -6.32 -17.40 16.66
CA ALA A 358 -7.25 -17.15 17.76
C ALA A 358 -6.56 -17.34 19.11
N TYR A 359 -5.91 -18.50 19.28
CA TYR A 359 -5.28 -18.79 20.56
C TYR A 359 -4.19 -17.81 20.88
N LEU A 360 -3.42 -17.42 19.86
CA LEU A 360 -2.28 -16.52 20.06
C LEU A 360 -2.70 -15.08 20.37
N ASP A 361 -3.71 -14.56 19.67
CA ASP A 361 -4.30 -13.28 20.05
C ASP A 361 -4.78 -13.31 21.48
N TYR A 362 -5.51 -14.36 21.86
CA TYR A 362 -5.89 -14.54 23.24
C TYR A 362 -4.68 -14.49 24.17
N LEU A 363 -3.64 -15.25 23.86
CA LEU A 363 -2.49 -15.28 24.75
C LEU A 363 -1.82 -13.93 24.86
N ARG A 364 -1.87 -13.13 23.79
CA ARG A 364 -1.26 -11.81 23.78
C ARG A 364 -2.03 -10.86 24.68
N ARG A 365 -3.37 -10.86 24.58
CA ARG A 365 -4.20 -9.96 25.38
C ARG A 365 -4.07 -10.22 26.88
N ARG A 366 -3.27 -11.19 27.27
CA ARG A 366 -2.93 -11.46 28.64
C ARG A 366 -1.63 -10.80 29.08
N VAL A 367 -0.93 -10.09 28.20
CA VAL A 367 0.40 -9.59 28.51
C VAL A 367 0.36 -8.10 28.81
N ASP A 368 0.86 -7.70 29.98
CA ASP A 368 1.09 -6.28 30.30
C ASP A 368 2.45 -5.98 29.69
N PHE A 369 2.44 -5.37 28.53
CA PHE A 369 3.64 -5.09 27.75
C PHE A 369 4.52 -4.00 28.35
N LYS A 370 4.12 -3.43 29.50
CA LYS A 370 4.89 -2.38 30.15
C LYS A 370 5.83 -2.91 31.22
N GLN A 371 6.23 -4.18 31.11
CA GLN A 371 7.31 -4.73 31.93
C GLN A 371 8.34 -5.36 30.99
N ASP A 372 9.61 -5.33 31.43
CA ASP A 372 10.71 -5.82 30.60
C ASP A 372 10.46 -7.26 30.17
N SER A 373 10.13 -8.13 31.12
CA SER A 373 9.82 -9.53 30.86
C SER A 373 8.61 -9.92 31.71
N SER A 374 7.98 -11.02 31.31
CA SER A 374 6.70 -11.42 31.87
C SER A 374 6.59 -12.94 31.83
N LYS A 375 5.82 -13.50 32.76
CA LYS A 375 5.42 -14.89 32.61
C LYS A 375 4.54 -15.03 31.37
N GLU A 376 3.56 -14.13 31.25
CA GLU A 376 2.57 -14.16 30.17
C GLU A 376 3.19 -13.86 28.82
N LEU A 377 4.21 -13.00 28.78
CA LEU A 377 4.92 -12.72 27.55
C LEU A 377 5.68 -13.95 27.07
N GLU A 378 6.35 -14.66 27.99
CA GLU A 378 7.08 -15.87 27.64
C GLU A 378 6.13 -16.98 27.24
N GLU A 379 4.97 -17.06 27.89
CA GLU A 379 3.94 -17.96 27.40
C GLU A 379 3.55 -17.60 25.98
N LEU A 380 3.51 -16.29 25.67
CA LEU A 380 3.15 -15.89 24.31
C LEU A 380 4.22 -16.35 23.32
N ARG A 381 5.48 -16.01 23.60
CA ARG A 381 6.57 -16.34 22.69
C ARG A 381 6.68 -17.84 22.49
N ALA A 382 6.69 -18.58 23.60
CA ALA A 382 6.77 -20.03 23.55
C ALA A 382 5.62 -20.60 22.74
N ALA A 383 4.42 -20.02 22.90
CA ALA A 383 3.30 -20.41 22.06
C ALA A 383 3.57 -20.08 20.59
N PHE A 384 4.29 -18.99 20.31
CA PHE A 384 4.59 -18.69 18.92
C PHE A 384 5.49 -19.76 18.33
N THR A 385 6.57 -20.11 19.05
CA THR A 385 7.44 -21.17 18.53
C THR A 385 6.64 -22.44 18.33
N ARG A 386 5.78 -22.75 19.30
CA ARG A 386 4.94 -23.92 19.17
C ARG A 386 4.11 -23.87 17.90
N ALA A 387 3.51 -22.72 17.60
CA ALA A 387 2.64 -22.64 16.43
C ALA A 387 3.42 -22.77 15.13
N LEU A 388 4.59 -22.14 15.06
CA LEU A 388 5.38 -22.23 13.83
C LEU A 388 5.82 -23.65 13.59
N GLU A 389 6.27 -24.31 14.65
CA GLU A 389 6.69 -25.70 14.54
C GLU A 389 5.51 -26.60 14.17
N TYR A 390 4.37 -26.41 14.81
CA TYR A 390 3.20 -27.21 14.49
C TYR A 390 2.76 -27.03 13.06
N LEU A 391 2.92 -25.83 12.50
CA LEU A 391 2.58 -25.65 11.10
C LEU A 391 3.63 -26.26 10.18
N LYS A 392 4.90 -26.19 10.57
CA LYS A 392 5.96 -26.79 9.76
C LYS A 392 5.86 -28.30 9.75
N GLN A 393 5.29 -28.90 10.81
CA GLN A 393 5.21 -30.35 11.00
C GLN A 393 3.83 -30.92 10.68
N GLU A 394 2.88 -30.76 11.62
CA GLU A 394 1.58 -31.41 11.49
C GLU A 394 0.84 -30.99 10.22
N VAL A 395 0.75 -29.67 9.98
CA VAL A 395 -0.06 -29.18 8.88
C VAL A 395 0.59 -29.45 7.54
N GLU A 396 1.92 -29.25 7.45
CA GLU A 396 2.63 -29.49 6.20
C GLU A 396 2.60 -30.96 5.84
N GLU A 397 2.90 -31.82 6.82
CA GLU A 397 2.90 -33.26 6.60
C GLU A 397 1.50 -33.80 6.34
N ARG A 398 0.46 -33.10 6.75
CA ARG A 398 -0.88 -33.62 6.53
C ARG A 398 -1.56 -33.00 5.32
N PHE A 399 -0.96 -31.95 4.72
CA PHE A 399 -1.63 -31.17 3.68
C PHE A 399 -0.81 -30.92 2.42
N ASN A 400 0.51 -31.13 2.44
CA ASN A 400 1.42 -30.78 1.33
C ASN A 400 1.27 -29.32 0.94
N GLU A 401 1.31 -28.47 1.97
CA GLU A 401 1.09 -27.03 1.89
C GLU A 401 1.69 -26.43 3.15
N SER A 402 1.81 -25.10 3.14
CA SER A 402 2.28 -24.46 4.36
C SER A 402 1.14 -24.10 5.28
N GLY A 403 -0.08 -24.03 4.77
CA GLY A 403 -1.20 -23.62 5.63
C GLY A 403 -1.23 -22.12 5.76
N ASP A 404 -0.08 -21.56 6.14
CA ASP A 404 0.25 -20.15 6.15
C ASP A 404 1.25 -19.98 5.02
N PRO A 405 0.80 -19.62 3.79
CA PRO A 405 1.76 -19.44 2.69
C PRO A 405 2.51 -18.13 2.84
N SER A 406 1.77 -17.17 3.37
CA SER A 406 2.21 -15.80 3.53
C SER A 406 2.66 -15.48 4.95
N CYS A 407 3.09 -16.49 5.69
CA CYS A 407 3.69 -16.34 7.01
C CYS A 407 2.95 -15.32 7.89
N VAL A 408 1.63 -15.46 7.98
CA VAL A 408 0.84 -14.53 8.78
C VAL A 408 1.20 -14.64 10.27
N ILE A 409 1.36 -15.85 10.81
CA ILE A 409 1.73 -15.98 12.23
C ILE A 409 3.09 -15.34 12.46
N MET A 410 4.02 -15.59 11.54
CA MET A 410 5.35 -15.01 11.68
C MET A 410 5.29 -13.49 11.59
N GLN A 411 4.46 -12.96 10.69
CA GLN A 411 4.32 -11.51 10.63
C GLN A 411 3.85 -10.98 11.98
N ASN A 412 2.72 -11.50 12.47
CA ASN A 412 2.19 -11.03 13.76
C ASN A 412 3.24 -11.09 14.86
N TRP A 413 4.00 -12.17 14.89
CA TRP A 413 5.06 -12.23 15.88
C TRP A 413 6.03 -11.06 15.68
N ALA A 414 6.41 -10.78 14.42
CA ALA A 414 7.34 -9.69 14.15
C ALA A 414 6.79 -8.35 14.60
N ARG A 415 5.54 -8.05 14.21
CA ARG A 415 4.88 -6.81 14.58
C ARG A 415 4.85 -6.63 16.10
N ILE A 416 4.52 -7.70 16.83
CA ILE A 416 4.50 -7.62 18.29
C ILE A 416 5.89 -7.34 18.83
N GLU A 417 6.87 -8.13 18.42
CA GLU A 417 8.21 -8.01 18.98
C GLU A 417 8.77 -6.61 18.75
N ALA A 418 8.51 -6.06 17.57
CA ALA A 418 9.03 -4.75 17.23
C ALA A 418 8.29 -3.66 17.98
N ARG A 419 6.97 -3.63 17.84
CA ARG A 419 6.21 -2.51 18.35
C ARG A 419 6.00 -2.56 19.87
N LEU A 420 5.72 -3.75 20.43
CA LEU A 420 5.28 -3.90 21.83
C LEU A 420 6.41 -4.31 22.77
N CYS A 421 7.35 -5.09 22.30
CA CYS A 421 8.56 -5.33 23.05
C CYS A 421 9.58 -4.35 22.50
N ASN A 422 10.76 -4.31 23.08
CA ASN A 422 11.75 -3.43 22.49
C ASN A 422 12.59 -4.20 21.48
N ASN A 423 12.16 -5.42 21.19
CA ASN A 423 12.91 -6.42 20.44
C ASN A 423 12.73 -6.22 18.93
N MET A 424 13.67 -5.52 18.29
CA MET A 424 13.60 -5.34 16.85
C MET A 424 14.34 -6.44 16.10
N GLN A 425 15.37 -7.01 16.72
CA GLN A 425 16.19 -8.05 16.10
C GLN A 425 15.35 -9.25 15.69
N LYS A 426 14.49 -9.72 16.59
CA LYS A 426 13.69 -10.90 16.28
C LYS A 426 12.77 -10.61 15.10
N ALA A 427 12.22 -9.38 15.03
CA ALA A 427 11.35 -9.03 13.91
C ALA A 427 12.11 -9.11 12.59
N ARG A 428 13.38 -8.70 12.60
CA ARG A 428 14.21 -8.81 11.40
C ARG A 428 14.39 -10.28 11.00
N GLU A 429 14.71 -11.13 11.99
CA GLU A 429 14.88 -12.56 11.69
C GLU A 429 13.60 -13.12 11.10
N LEU A 430 12.51 -12.94 11.83
CA LEU A 430 11.22 -13.42 11.39
C LEU A 430 10.98 -12.99 9.96
N TRP A 431 11.47 -11.82 9.58
CA TRP A 431 11.29 -11.41 8.19
C TRP A 431 12.26 -12.09 7.23
N ASP A 432 13.48 -12.48 7.66
CA ASP A 432 14.25 -13.40 6.82
C ASP A 432 13.40 -14.61 6.47
N SER A 433 12.94 -15.32 7.49
CA SER A 433 12.13 -16.49 7.23
C SER A 433 10.92 -16.15 6.37
N ILE A 434 10.29 -15.00 6.60
CA ILE A 434 9.07 -14.72 5.84
C ILE A 434 9.41 -14.57 4.38
N MET A 435 10.51 -13.89 4.11
CA MET A 435 10.90 -13.56 2.74
C MET A 435 11.56 -14.72 1.99
N THR A 436 11.97 -15.78 2.68
CA THR A 436 12.73 -16.79 1.95
C THR A 436 11.90 -17.82 1.16
N ARG A 437 10.57 -17.96 1.31
CA ARG A 437 9.82 -19.02 0.62
CA ARG A 437 9.90 -19.03 0.56
C ARG A 437 9.06 -18.50 -0.61
N GLY A 438 9.60 -17.52 -1.33
CA GLY A 438 8.93 -16.93 -2.48
C GLY A 438 8.04 -15.76 -2.15
N ASN A 439 8.07 -15.29 -0.91
CA ASN A 439 7.34 -14.08 -0.62
C ASN A 439 8.10 -12.85 -1.08
N ALA A 440 9.34 -13.04 -1.58
CA ALA A 440 10.17 -11.93 -2.03
C ALA A 440 9.80 -11.42 -3.41
N LYS A 441 8.90 -12.10 -4.13
CA LYS A 441 8.40 -11.57 -5.39
C LYS A 441 7.33 -10.50 -5.24
N TYR A 442 6.86 -10.21 -4.03
CA TYR A 442 5.64 -9.43 -3.83
C TYR A 442 5.88 -8.06 -3.22
N ALA A 443 5.32 -7.03 -3.87
CA ALA A 443 5.51 -5.66 -3.41
C ALA A 443 4.92 -5.45 -2.02
N ASN A 444 3.73 -6.02 -1.75
CA ASN A 444 3.11 -5.91 -0.43
C ASN A 444 4.05 -6.34 0.67
N MET A 445 4.60 -7.54 0.54
CA MET A 445 5.49 -8.06 1.57
C MET A 445 6.70 -7.16 1.78
N TRP A 446 7.34 -6.78 0.68
CA TRP A 446 8.51 -5.93 0.79
C TRP A 446 8.17 -4.67 1.56
N LEU A 447 7.00 -4.10 1.27
CA LEU A 447 6.57 -2.88 1.92
C LEU A 447 6.12 -3.12 3.36
N GLU A 448 5.58 -4.30 3.66
CA GLU A 448 5.24 -4.62 5.05
C GLU A 448 6.49 -4.60 5.88
N TYR A 449 7.53 -5.24 5.38
CA TYR A 449 8.79 -5.21 6.10
C TYR A 449 9.31 -3.79 6.15
N TYR A 450 9.23 -3.07 5.03
CA TYR A 450 9.69 -1.69 5.02
C TYR A 450 9.01 -0.89 6.12
N ASN A 451 7.68 -0.85 6.12
CA ASN A 451 6.93 -0.05 7.10
C ASN A 451 7.31 -0.45 8.52
N LEU A 452 7.48 -1.74 8.77
CA LEU A 452 7.96 -2.17 10.09
C LEU A 452 9.31 -1.55 10.40
N GLU A 453 10.22 -1.60 9.45
CA GLU A 453 11.55 -1.04 9.62
C GLU A 453 11.49 0.48 9.78
N ARG A 454 10.55 1.11 9.08
CA ARG A 454 10.33 2.55 9.17
C ARG A 454 9.91 2.94 10.57
N ALA A 455 8.96 2.19 11.12
CA ALA A 455 8.41 2.41 12.46
C ALA A 455 9.44 2.16 13.56
N HIS A 456 10.11 1.02 13.54
CA HIS A 456 10.96 0.72 14.69
C HIS A 456 12.39 0.36 14.30
N GLY A 457 12.75 0.49 13.02
CA GLY A 457 14.14 0.28 12.64
C GLY A 457 14.91 1.56 12.44
N ASP A 458 15.66 1.65 11.35
CA ASP A 458 16.31 2.91 11.02
C ASP A 458 16.30 3.10 9.51
N THR A 459 16.80 4.24 9.09
CA THR A 459 16.73 4.54 7.67
C THR A 459 17.67 3.63 6.90
N GLN A 460 18.84 3.33 7.46
CA GLN A 460 19.77 2.44 6.80
C GLN A 460 19.10 1.14 6.39
N HIS A 461 18.43 0.46 7.33
CA HIS A 461 17.74 -0.78 7.02
C HIS A 461 16.60 -0.59 6.04
N CYS A 462 15.95 0.57 6.07
CA CYS A 462 14.91 0.84 5.09
C CYS A 462 15.49 0.96 3.69
N ARG A 463 16.65 1.61 3.59
CA ARG A 463 17.29 1.75 2.30
C ARG A 463 17.66 0.37 1.77
N LYS A 464 18.39 -0.39 2.58
CA LYS A 464 18.75 -1.77 2.22
C LYS A 464 17.52 -2.56 1.77
N ALA A 465 16.47 -2.56 2.62
CA ALA A 465 15.21 -3.23 2.31
C ALA A 465 14.63 -2.82 0.97
N LEU A 466 14.63 -1.53 0.66
CA LEU A 466 13.94 -1.06 -0.54
C LEU A 466 14.77 -1.25 -1.78
N HIS A 467 16.09 -1.24 -1.61
CA HIS A 467 16.98 -1.61 -2.71
C HIS A 467 16.71 -3.05 -3.10
N ARG A 468 16.82 -3.95 -2.12
CA ARG A 468 16.53 -5.34 -2.40
C ARG A 468 15.10 -5.49 -2.93
N ALA A 469 14.20 -4.65 -2.46
CA ALA A 469 12.82 -4.76 -2.91
C ALA A 469 12.69 -4.45 -4.39
N VAL A 470 13.36 -3.39 -4.88
CA VAL A 470 13.33 -3.08 -6.31
C VAL A 470 13.98 -4.19 -7.11
N GLN A 471 15.01 -4.85 -6.54
CA GLN A 471 15.62 -5.95 -7.29
CA GLN A 471 15.64 -5.99 -7.23
C GLN A 471 14.66 -7.13 -7.42
N CYS A 472 13.97 -7.52 -6.32
CA CYS A 472 13.23 -8.80 -6.27
C CYS A 472 11.77 -8.73 -6.70
N THR A 473 11.09 -7.61 -6.50
CA THR A 473 9.65 -7.54 -6.75
C THR A 473 9.32 -7.91 -8.18
N SER A 474 8.34 -8.78 -8.36
CA SER A 474 7.92 -9.17 -9.69
C SER A 474 6.56 -8.61 -10.10
N ASP A 475 5.62 -8.46 -9.15
CA ASP A 475 4.29 -8.01 -9.50
C ASP A 475 4.26 -6.49 -9.75
N TYR A 476 4.67 -5.70 -8.78
CA TYR A 476 4.58 -4.25 -8.89
C TYR A 476 5.92 -3.61 -8.53
N PRO A 477 6.90 -3.73 -9.40
CA PRO A 477 8.19 -3.13 -9.08
C PRO A 477 8.13 -1.60 -9.12
N GLU A 478 7.32 -1.03 -10.02
CA GLU A 478 7.19 0.42 -10.11
C GLU A 478 6.74 1.02 -8.78
N HIS A 479 5.84 0.32 -8.08
CA HIS A 479 5.38 0.84 -6.82
C HIS A 479 6.53 0.90 -5.83
N VAL A 480 7.31 -0.16 -5.76
CA VAL A 480 8.46 -0.20 -4.86
C VAL A 480 9.44 0.90 -5.21
N CYS A 481 9.61 1.16 -6.51
CA CYS A 481 10.51 2.20 -6.99
C CYS A 481 10.07 3.57 -6.50
N GLU A 482 8.77 3.86 -6.68
CA GLU A 482 8.14 5.01 -6.06
C GLU A 482 8.54 5.12 -4.60
N VAL A 483 8.26 4.10 -3.82
CA VAL A 483 8.50 4.20 -2.38
C VAL A 483 9.98 4.54 -2.13
N LEU A 484 10.90 3.92 -2.86
CA LEU A 484 12.32 4.21 -2.65
C LEU A 484 12.62 5.67 -2.94
N LEU A 485 12.21 6.13 -4.13
CA LEU A 485 12.47 7.52 -4.50
C LEU A 485 11.89 8.47 -3.46
N THR A 486 10.63 8.24 -3.06
CA THR A 486 10.00 9.05 -2.03
C THR A 486 10.79 9.05 -0.73
N MET A 487 11.33 7.91 -0.34
CA MET A 487 12.07 7.87 0.91
C MET A 487 13.34 8.69 0.83
N GLU A 488 14.07 8.58 -0.29
CA GLU A 488 15.37 9.26 -0.40
C GLU A 488 15.19 10.76 -0.59
N ARG A 489 14.15 11.16 -1.33
CA ARG A 489 13.74 12.55 -1.45
C ARG A 489 13.41 13.16 -0.11
N THR A 490 12.61 12.45 0.67
CA THR A 490 12.24 12.91 2.01
C THR A 490 13.42 12.94 2.99
N GLU A 491 14.41 12.06 2.85
CA GLU A 491 15.43 12.08 3.90
C GLU A 491 16.85 11.73 3.48
N GLY A 492 17.04 11.18 2.26
CA GLY A 492 18.35 10.74 1.86
C GLY A 492 19.17 11.84 1.20
N SER A 493 20.48 11.63 1.22
CA SER A 493 21.46 12.51 0.59
C SER A 493 21.17 12.68 -0.91
N LEU A 494 21.91 13.60 -1.54
CA LEU A 494 21.78 13.72 -2.99
C LEU A 494 22.28 12.45 -3.65
N GLU A 495 23.42 11.96 -3.17
CA GLU A 495 24.00 10.70 -3.60
C GLU A 495 22.95 9.62 -3.59
N ASP A 496 22.26 9.50 -2.46
CA ASP A 496 21.24 8.49 -2.30
C ASP A 496 20.16 8.66 -3.35
N TRP A 497 19.76 9.91 -3.61
CA TRP A 497 18.77 10.17 -4.64
C TRP A 497 19.23 9.69 -6.01
N ASP A 498 20.50 9.91 -6.33
CA ASP A 498 21.00 9.56 -7.66
C ASP A 498 21.09 8.05 -7.83
N ILE A 499 21.67 7.35 -6.84
CA ILE A 499 21.70 5.88 -6.81
C ILE A 499 20.30 5.30 -6.94
N ALA A 500 19.34 5.87 -6.22
CA ALA A 500 17.94 5.46 -6.31
C ALA A 500 17.41 5.60 -7.73
N VAL A 501 17.62 6.77 -8.37
CA VAL A 501 17.12 6.96 -9.73
C VAL A 501 17.76 5.96 -10.67
N GLN A 502 19.04 5.69 -10.45
CA GLN A 502 19.74 4.71 -11.27
C GLN A 502 19.11 3.34 -11.16
N LYS A 503 18.96 2.84 -9.92
CA LYS A 503 18.30 1.56 -9.70
C LYS A 503 16.93 1.52 -10.36
N THR A 504 16.10 2.52 -10.08
CA THR A 504 14.76 2.57 -10.62
C THR A 504 14.75 2.49 -12.15
N GLU A 505 15.40 3.46 -12.80
CA GLU A 505 15.39 3.49 -14.25
CA GLU A 505 15.45 3.51 -14.26
C GLU A 505 15.91 2.17 -14.82
N THR A 506 17.02 1.66 -14.27
CA THR A 506 17.56 0.38 -14.74
C THR A 506 16.53 -0.73 -14.64
N ARG A 507 15.72 -0.73 -13.57
CA ARG A 507 14.76 -1.80 -13.37
C ARG A 507 13.57 -1.67 -14.32
N LEU A 508 12.94 -0.49 -14.35
CA LEU A 508 11.75 -0.29 -15.18
C LEU A 508 12.08 -0.21 -16.67
N ALA A 509 13.35 -0.24 -17.03
CA ALA A 509 13.79 -0.31 -18.42
C ALA A 509 13.24 -1.54 -19.13
N ALA B 25 6.46 55.24 -47.69
CA ALA B 25 5.84 56.32 -46.92
C ALA B 25 6.86 56.97 -45.99
N MET B 26 6.65 58.27 -45.73
CA MET B 26 7.67 59.05 -45.05
C MET B 26 7.69 58.74 -43.56
N GLY B 27 8.88 58.53 -43.03
CA GLY B 27 9.00 58.27 -41.61
C GLY B 27 8.32 57.01 -41.11
N SER B 28 7.93 56.10 -42.01
CA SER B 28 7.28 54.84 -41.61
C SER B 28 8.17 54.05 -40.68
N GLY B 29 9.47 54.08 -40.91
CA GLY B 29 10.38 53.37 -40.04
C GLY B 29 10.27 53.83 -38.60
N ILE B 30 10.23 55.14 -38.39
CA ILE B 30 10.12 55.69 -37.04
C ILE B 30 8.90 55.13 -36.33
N LEU B 31 7.76 55.17 -37.00
CA LEU B 31 6.52 54.75 -36.37
C LEU B 31 6.52 53.25 -36.13
N GLU B 32 7.02 52.46 -37.09
CA GLU B 32 7.02 51.00 -36.89
C GLU B 32 7.98 50.61 -35.77
N ILE B 33 9.11 51.28 -35.66
CA ILE B 33 9.98 51.04 -34.53
C ILE B 33 9.25 51.30 -33.22
N GLU B 34 8.54 52.44 -33.13
CA GLU B 34 7.78 52.69 -31.91
C GLU B 34 6.79 51.57 -31.63
N ARG B 35 6.08 51.16 -32.68
CA ARG B 35 5.10 50.09 -32.55
C ARG B 35 5.74 48.81 -31.99
N LEU B 36 6.84 48.38 -32.61
CA LEU B 36 7.50 47.16 -32.16
C LEU B 36 8.06 47.31 -30.76
N GLU B 37 8.66 48.45 -30.45
CA GLU B 37 9.21 48.64 -29.12
C GLU B 37 8.14 48.52 -28.04
N GLU B 38 6.92 48.99 -28.35
CA GLU B 38 5.83 48.87 -27.39
C GLU B 38 5.30 47.43 -27.32
N GLN B 39 5.21 46.75 -28.47
CA GLN B 39 4.83 45.34 -28.47
C GLN B 39 5.82 44.49 -27.67
N LEU B 40 7.10 44.82 -27.75
CA LEU B 40 8.10 44.19 -26.87
C LEU B 40 7.92 44.63 -25.44
N SER B 41 7.45 45.86 -25.23
CA SER B 41 7.23 46.36 -23.87
C SER B 41 6.21 45.50 -23.14
N ILE B 42 5.24 44.94 -23.87
CA ILE B 42 4.38 43.97 -23.19
C ILE B 42 4.98 42.57 -23.27
N ASN B 43 5.19 42.03 -24.48
CA ASN B 43 5.66 40.64 -24.63
C ASN B 43 7.14 40.64 -25.05
N VAL B 44 8.00 40.61 -24.03
CA VAL B 44 9.44 40.65 -24.24
C VAL B 44 9.88 39.37 -24.90
N TYR B 45 9.12 38.30 -24.74
CA TYR B 45 9.53 36.99 -25.23
CA TYR B 45 9.51 36.98 -25.22
C TYR B 45 9.15 36.76 -26.70
N ASP B 46 9.02 37.84 -27.46
CA ASP B 46 8.71 37.76 -28.89
C ASP B 46 10.00 37.83 -29.68
N TYR B 47 10.45 36.68 -30.20
CA TYR B 47 11.72 36.61 -30.94
C TYR B 47 11.64 37.41 -32.23
N ASN B 48 10.65 37.11 -33.06
CA ASN B 48 10.52 37.81 -34.32
C ASN B 48 10.38 39.32 -34.11
N CYS B 49 9.79 39.73 -32.99
CA CYS B 49 9.71 41.16 -32.70
C CYS B 49 11.09 41.75 -32.50
N HIS B 50 11.98 41.03 -31.81
CA HIS B 50 13.35 41.50 -31.69
C HIS B 50 14.03 41.56 -33.05
N VAL B 51 13.87 40.52 -33.87
CA VAL B 51 14.54 40.50 -35.17
C VAL B 51 14.10 41.68 -36.01
N ASP B 52 12.80 41.93 -36.04
CA ASP B 52 12.25 43.03 -36.83
C ASP B 52 12.72 44.36 -36.29
N LEU B 53 12.56 44.56 -34.99
CA LEU B 53 12.99 45.79 -34.36
C LEU B 53 14.43 46.09 -34.70
N ILE B 54 15.29 45.07 -34.65
CA ILE B 54 16.70 45.28 -34.89
C ILE B 54 16.96 45.61 -36.35
N ARG B 55 16.29 44.96 -37.29
CA ARG B 55 16.55 45.33 -38.68
CA ARG B 55 16.49 45.31 -38.70
C ARG B 55 16.08 46.75 -38.95
N LEU B 56 14.91 47.15 -38.43
CA LEU B 56 14.46 48.53 -38.66
C LEU B 56 15.36 49.54 -37.98
N LEU B 57 15.77 49.29 -36.75
CA LEU B 57 16.73 50.20 -36.13
C LEU B 57 18.01 50.30 -36.93
N ARG B 58 18.43 49.23 -37.61
CA ARG B 58 19.60 49.34 -38.48
C ARG B 58 19.30 50.21 -39.69
N LEU B 59 18.17 49.98 -40.36
CA LEU B 59 17.83 50.83 -41.51
C LEU B 59 17.74 52.31 -41.14
N GLU B 60 17.27 52.64 -39.93
CA GLU B 60 17.21 54.04 -39.57
C GLU B 60 18.57 54.59 -39.12
N GLY B 61 19.55 53.73 -38.93
CA GLY B 61 20.87 54.16 -38.53
C GLY B 61 21.05 54.49 -37.07
N GLU B 62 20.08 54.17 -36.21
CA GLU B 62 20.18 54.45 -34.78
C GLU B 62 21.12 53.43 -34.11
N LEU B 63 22.43 53.67 -34.30
CA LEU B 63 23.44 52.66 -34.01
C LEU B 63 23.43 52.21 -32.56
N THR B 64 23.52 53.14 -31.60
CA THR B 64 23.54 52.77 -30.19
C THR B 64 22.25 52.06 -29.81
N LYS B 65 21.13 52.46 -30.39
CA LYS B 65 19.88 51.75 -30.10
C LYS B 65 19.88 50.35 -30.70
N VAL B 66 20.52 50.14 -31.87
CA VAL B 66 20.69 48.77 -32.38
C VAL B 66 21.50 47.95 -31.40
N ARG B 67 22.56 48.52 -30.87
CA ARG B 67 23.39 47.80 -29.93
C ARG B 67 22.59 47.40 -28.70
N MET B 68 21.78 48.31 -28.17
CA MET B 68 21.00 47.98 -26.98
CA MET B 68 20.99 47.98 -26.97
C MET B 68 19.97 46.90 -27.29
N ALA B 69 19.22 47.05 -28.38
CA ALA B 69 18.20 46.07 -28.74
C ALA B 69 18.82 44.69 -28.91
N ARG B 70 19.96 44.65 -29.60
CA ARG B 70 20.71 43.40 -29.75
C ARG B 70 21.11 42.82 -28.42
N GLN B 71 21.57 43.66 -27.49
CA GLN B 71 21.97 43.14 -26.18
C GLN B 71 20.79 42.51 -25.45
N LYS B 72 19.63 43.17 -25.45
CA LYS B 72 18.48 42.58 -24.76
C LYS B 72 18.05 41.28 -25.41
N MET B 73 18.03 41.21 -26.74
CA MET B 73 17.68 39.94 -27.36
C MET B 73 18.68 38.84 -27.04
N SER B 74 19.97 39.16 -27.06
CA SER B 74 20.95 38.12 -26.79
C SER B 74 20.92 37.70 -25.34
N GLU B 75 20.44 38.56 -24.44
CA GLU B 75 20.38 38.17 -23.04
C GLU B 75 19.14 37.34 -22.79
N ILE B 76 18.11 37.49 -23.61
CA ILE B 76 16.97 36.58 -23.53
C ILE B 76 17.18 35.31 -24.35
N PHE B 77 17.55 35.41 -25.63
CA PHE B 77 17.61 34.24 -26.50
C PHE B 77 19.01 33.80 -26.89
N PRO B 78 19.13 32.54 -27.33
CA PRO B 78 20.29 32.17 -28.12
C PRO B 78 20.19 32.77 -29.51
N LEU B 79 21.28 33.33 -29.99
CA LEU B 79 21.34 33.86 -31.33
C LEU B 79 22.01 32.84 -32.25
N THR B 80 21.45 32.66 -33.45
CA THR B 80 22.09 31.81 -34.43
C THR B 80 23.41 32.44 -34.87
N GLU B 81 24.16 31.70 -35.68
CA GLU B 81 25.46 32.18 -36.13
C GLU B 81 25.31 33.40 -37.01
N GLU B 82 24.26 33.48 -37.82
CA GLU B 82 24.11 34.60 -38.72
C GLU B 82 23.86 35.88 -37.93
N LEU B 83 22.96 35.83 -36.95
CA LEU B 83 22.68 37.00 -36.12
C LEU B 83 23.92 37.41 -35.33
N TRP B 84 24.59 36.45 -34.70
CA TRP B 84 25.83 36.79 -34.01
C TRP B 84 26.82 37.42 -34.96
N LEU B 85 26.92 36.85 -36.18
CA LEU B 85 27.91 37.33 -37.14
C LEU B 85 27.59 38.74 -37.59
N GLU B 86 26.30 39.03 -37.82
CA GLU B 86 25.90 40.38 -38.20
C GLU B 86 26.33 41.37 -37.14
N TRP B 87 25.93 41.11 -35.90
CA TRP B 87 26.30 42.02 -34.82
C TRP B 87 27.81 42.18 -34.76
N LEU B 88 28.55 41.08 -34.90
CA LEU B 88 30.00 41.17 -34.80
C LEU B 88 30.57 42.04 -35.90
N HIS B 89 30.11 41.84 -37.13
CA HIS B 89 30.57 42.65 -38.25
C HIS B 89 30.30 44.12 -38.00
N ASP B 90 29.08 44.46 -37.56
CA ASP B 90 28.77 45.86 -37.29
C ASP B 90 29.67 46.45 -36.23
N GLU B 91 29.93 45.73 -35.15
CA GLU B 91 30.81 46.30 -34.13
C GLU B 91 32.24 46.40 -34.63
N ILE B 92 32.68 45.44 -35.44
CA ILE B 92 34.08 45.40 -35.90
C ILE B 92 34.37 46.52 -36.90
N SER B 93 33.50 46.67 -37.90
CA SER B 93 33.66 47.66 -38.97
C SER B 93 33.39 49.13 -38.49
N MET B 94 33.22 49.27 -37.18
CA MET B 94 32.93 50.53 -36.53
C MET B 94 33.92 50.85 -35.42
N ALA B 95 34.99 50.06 -35.28
CA ALA B 95 35.90 50.11 -34.15
C ALA B 95 37.18 50.86 -34.51
N GLN B 96 37.48 51.91 -33.73
CA GLN B 96 38.59 52.81 -34.05
C GLN B 96 39.63 52.86 -32.93
N ASP B 97 39.48 52.06 -31.87
CA ASP B 97 40.27 52.19 -30.66
C ASP B 97 40.73 50.81 -30.18
N GLY B 98 41.63 50.81 -29.19
CA GLY B 98 42.11 49.57 -28.56
C GLY B 98 41.10 49.09 -27.53
N LEU B 99 40.48 50.06 -26.86
CA LEU B 99 39.37 49.73 -25.98
C LEU B 99 38.21 49.15 -26.77
N ASP B 100 37.94 49.70 -27.95
CA ASP B 100 36.96 49.09 -28.84
C ASP B 100 37.36 47.66 -29.18
N ARG B 101 38.66 47.41 -29.30
CA ARG B 101 39.13 46.05 -29.55
C ARG B 101 38.78 45.13 -28.40
N GLU B 102 39.05 45.57 -27.16
CA GLU B 102 38.72 44.72 -26.03
C GLU B 102 37.23 44.47 -25.96
N HIS B 103 36.43 45.47 -26.27
CA HIS B 103 34.98 45.29 -26.24
C HIS B 103 34.53 44.32 -27.33
N VAL B 104 35.18 44.37 -28.50
CA VAL B 104 34.86 43.40 -29.54
C VAL B 104 35.20 42.00 -29.06
N TYR B 105 36.35 41.85 -28.41
CA TYR B 105 36.70 40.54 -27.88
C TYR B 105 35.60 40.06 -26.95
N ASP B 106 35.23 40.89 -25.98
CA ASP B 106 34.11 40.56 -25.12
C ASP B 106 32.89 40.09 -25.91
N LEU B 107 32.60 40.75 -27.03
CA LEU B 107 31.44 40.35 -27.81
C LEU B 107 31.63 38.97 -28.42
N PHE B 108 32.84 38.67 -28.90
CA PHE B 108 33.10 37.34 -29.42
C PHE B 108 32.92 36.30 -28.32
N GLU B 109 33.55 36.55 -27.17
CA GLU B 109 33.47 35.66 -26.03
C GLU B 109 32.05 35.32 -25.67
N LYS B 110 31.16 36.33 -25.76
CA LYS B 110 29.73 36.07 -25.56
C LYS B 110 29.13 35.32 -26.74
N ALA B 111 29.63 35.53 -27.96
CA ALA B 111 29.03 34.94 -29.15
C ALA B 111 29.30 33.43 -29.25
N VAL B 112 30.45 32.98 -28.76
CA VAL B 112 30.77 31.57 -28.94
C VAL B 112 29.94 30.66 -28.05
N LYS B 113 29.32 31.18 -26.99
CA LYS B 113 28.62 30.32 -26.01
C LYS B 113 27.39 29.63 -26.60
N ASP B 114 26.60 30.30 -27.43
CA ASP B 114 25.30 29.74 -27.79
C ASP B 114 25.41 28.40 -28.50
N TYR B 115 25.88 28.36 -29.74
CA TYR B 115 25.96 27.07 -30.43
C TYR B 115 27.38 26.82 -30.94
N ILE B 116 27.54 25.71 -31.68
CA ILE B 116 28.79 25.46 -32.39
C ILE B 116 28.88 26.42 -33.59
N CYS B 117 30.03 27.09 -33.74
CA CYS B 117 30.13 28.25 -34.63
C CYS B 117 31.49 28.34 -35.31
N PRO B 118 31.71 27.54 -36.36
CA PRO B 118 33.02 27.59 -37.06
C PRO B 118 33.35 28.97 -37.61
N ASN B 119 32.40 29.62 -38.30
CA ASN B 119 32.63 30.95 -38.85
C ASN B 119 32.95 31.98 -37.77
N ILE B 120 32.22 31.93 -36.65
CA ILE B 120 32.50 32.91 -35.61
C ILE B 120 33.93 32.72 -35.13
N TRP B 121 34.37 31.47 -35.01
CA TRP B 121 35.74 31.22 -34.56
C TRP B 121 36.72 31.72 -35.60
N LEU B 122 36.39 31.54 -36.88
CA LEU B 122 37.27 32.04 -37.92
C LEU B 122 37.44 33.55 -37.80
N GLU B 123 36.31 34.27 -37.78
CA GLU B 123 36.34 35.72 -37.69
C GLU B 123 37.03 36.20 -36.43
N TYR B 124 36.81 35.52 -35.30
CA TYR B 124 37.50 35.90 -34.09
C TYR B 124 39.00 35.77 -34.28
N GLY B 125 39.44 34.69 -34.93
CA GLY B 125 40.87 34.52 -35.13
C GLY B 125 41.44 35.63 -35.97
N GLN B 126 40.87 35.82 -37.16
CA GLN B 126 41.37 36.83 -38.10
C GLN B 126 41.27 38.24 -37.52
N TYR B 127 40.15 38.58 -36.88
CA TYR B 127 40.08 39.89 -36.24
C TYR B 127 41.13 40.02 -35.14
N SER B 128 41.39 38.95 -34.41
CA SER B 128 42.41 39.02 -33.37
C SER B 128 43.78 39.21 -33.96
N VAL B 129 43.96 38.85 -35.23
CA VAL B 129 45.26 39.04 -35.88
C VAL B 129 45.63 40.52 -35.87
N GLY B 130 44.63 41.41 -35.90
CA GLY B 130 44.91 42.82 -35.81
C GLY B 130 45.54 43.18 -34.48
N GLY B 131 45.45 42.29 -33.51
CA GLY B 131 45.90 42.62 -32.18
C GLY B 131 47.38 42.47 -31.96
N ILE B 132 48.11 42.02 -32.97
CA ILE B 132 49.55 41.87 -32.83
C ILE B 132 50.12 43.28 -32.61
N GLY B 133 51.40 43.36 -32.26
CA GLY B 133 51.99 44.67 -32.00
C GLY B 133 51.69 45.09 -30.59
N GLN B 134 50.44 44.99 -30.18
CA GLN B 134 50.11 45.19 -28.78
C GLN B 134 50.61 43.99 -27.97
N LYS B 135 51.44 44.28 -26.97
CA LYS B 135 52.14 43.25 -26.21
C LYS B 135 51.11 42.43 -25.43
N GLY B 136 50.78 41.28 -26.01
CA GLY B 136 50.10 40.17 -25.37
C GLY B 136 49.17 39.57 -26.39
N GLY B 137 49.41 39.93 -27.65
CA GLY B 137 48.47 39.61 -28.70
C GLY B 137 49.01 38.69 -29.78
N LEU B 138 50.24 38.17 -29.62
CA LEU B 138 50.60 36.99 -30.40
C LEU B 138 49.95 35.77 -29.78
N GLU B 139 50.12 35.67 -28.46
CA GLU B 139 49.42 34.66 -27.68
C GLU B 139 47.92 34.81 -27.79
N LYS B 140 47.40 36.03 -27.93
CA LYS B 140 45.96 36.16 -28.06
C LYS B 140 45.48 35.43 -29.31
N VAL B 141 46.16 35.62 -30.44
CA VAL B 141 45.76 34.92 -31.66
C VAL B 141 45.85 33.42 -31.45
N ARG B 142 46.96 32.97 -30.86
CA ARG B 142 47.11 31.54 -30.71
C ARG B 142 46.05 30.97 -29.78
N SER B 143 45.67 31.70 -28.73
CA SER B 143 44.59 31.27 -27.86
C SER B 143 43.29 31.14 -28.64
N VAL B 144 42.97 32.14 -29.44
CA VAL B 144 41.72 32.09 -30.19
C VAL B 144 41.69 30.89 -31.11
N PHE B 145 42.78 30.65 -31.85
CA PHE B 145 42.75 29.53 -32.77
C PHE B 145 42.78 28.21 -32.01
N GLU B 146 43.50 28.17 -30.90
CA GLU B 146 43.61 26.96 -30.10
C GLU B 146 42.24 26.56 -29.54
N ARG B 147 41.51 27.50 -28.98
CA ARG B 147 40.16 27.20 -28.50
C ARG B 147 39.24 26.91 -29.66
N ALA B 148 39.49 27.56 -30.79
CA ALA B 148 38.70 27.28 -31.96
C ALA B 148 38.83 25.83 -32.35
N LEU B 149 40.07 25.34 -32.30
CA LEU B 149 40.37 23.98 -32.69
C LEU B 149 39.78 23.02 -31.68
N SER B 150 40.06 23.28 -30.41
CA SER B 150 39.51 22.46 -29.35
C SER B 150 38.00 22.33 -29.50
N SER B 151 37.33 23.38 -29.92
CA SER B 151 35.89 23.28 -30.12
C SER B 151 35.55 22.52 -31.39
N VAL B 152 35.88 23.07 -32.56
CA VAL B 152 35.44 22.49 -33.82
C VAL B 152 36.60 21.97 -34.66
N GLY B 153 37.81 21.89 -34.10
CA GLY B 153 38.94 21.40 -34.87
C GLY B 153 38.68 20.03 -35.49
N LEU B 154 37.76 19.26 -34.93
CA LEU B 154 37.44 17.94 -35.46
C LEU B 154 36.34 17.99 -36.50
N HIS B 155 35.74 19.16 -36.72
CA HIS B 155 34.55 19.24 -37.57
C HIS B 155 34.86 18.75 -38.98
N MET B 156 34.11 17.74 -39.43
CA MET B 156 34.46 17.01 -40.64
C MET B 156 34.56 17.95 -41.84
N THR B 157 33.72 18.97 -41.89
CA THR B 157 33.66 19.84 -43.07
C THR B 157 34.19 21.23 -42.83
N LYS B 158 34.00 21.78 -41.63
CA LYS B 158 34.33 23.17 -41.34
C LYS B 158 35.61 23.35 -40.54
N GLY B 159 36.17 22.28 -39.97
CA GLY B 159 37.41 22.41 -39.24
C GLY B 159 38.57 22.74 -40.14
N LEU B 160 38.53 22.22 -41.38
CA LEU B 160 39.64 22.41 -42.30
C LEU B 160 39.97 23.88 -42.46
N ALA B 161 38.94 24.71 -42.63
CA ALA B 161 39.14 26.15 -42.76
C ALA B 161 39.93 26.72 -41.58
N LEU B 162 39.65 26.22 -40.38
CA LEU B 162 40.33 26.76 -39.21
C LEU B 162 41.79 26.32 -39.17
N TRP B 163 42.04 25.03 -39.41
CA TRP B 163 43.43 24.59 -39.49
C TRP B 163 44.20 25.43 -40.49
N GLU B 164 43.64 25.58 -41.70
CA GLU B 164 44.31 26.34 -42.76
C GLU B 164 44.59 27.77 -42.33
N ALA B 165 43.58 28.48 -41.81
CA ALA B 165 43.78 29.87 -41.40
C ALA B 165 44.85 29.98 -40.33
N TYR B 166 44.84 29.08 -39.35
CA TYR B 166 45.86 29.07 -38.31
C TYR B 166 47.24 28.91 -38.94
N ARG B 167 47.37 27.98 -39.89
CA ARG B 167 48.66 27.79 -40.54
C ARG B 167 49.04 29.00 -41.39
N GLU B 168 48.07 29.64 -42.04
CA GLU B 168 48.40 30.84 -42.81
C GLU B 168 49.01 31.87 -41.90
N PHE B 169 48.44 32.01 -40.71
CA PHE B 169 48.96 32.97 -39.74
C PHE B 169 50.40 32.61 -39.35
N GLU B 170 50.63 31.36 -38.96
CA GLU B 170 51.96 30.94 -38.53
C GLU B 170 52.97 31.03 -39.67
N SER B 171 52.50 30.85 -40.90
CA SER B 171 53.33 30.99 -42.08
C SER B 171 53.66 32.45 -42.34
N ALA B 172 52.69 33.35 -42.13
CA ALA B 172 52.93 34.77 -42.33
C ALA B 172 53.85 35.36 -41.26
N ILE B 173 53.96 34.70 -40.10
CA ILE B 173 54.97 35.05 -39.10
C ILE B 173 56.25 34.28 -39.38
N VAL B 174 56.24 32.98 -39.03
CA VAL B 174 57.31 31.99 -39.17
C VAL B 174 58.70 32.56 -38.94
N GLU B 175 58.85 33.47 -37.97
CA GLU B 175 60.10 34.17 -37.71
C GLU B 175 61.30 33.22 -37.73
N ALA B 176 62.35 33.63 -38.44
CA ALA B 176 63.69 33.01 -38.46
C ALA B 176 63.71 31.59 -39.02
N ALA B 177 62.81 31.28 -39.97
CA ALA B 177 62.68 29.94 -40.56
C ALA B 177 62.46 28.88 -39.48
N ARG B 178 61.69 29.25 -38.44
CA ARG B 178 61.26 28.37 -37.35
C ARG B 178 59.87 27.87 -37.72
N LEU B 179 59.84 26.79 -38.49
CA LEU B 179 58.59 26.23 -38.99
C LEU B 179 58.04 25.13 -38.08
N GLU B 180 58.55 25.02 -36.86
CA GLU B 180 58.02 24.05 -35.92
C GLU B 180 56.53 24.30 -35.68
N LYS B 181 56.12 25.56 -35.70
CA LYS B 181 54.69 25.85 -35.57
C LYS B 181 53.91 25.30 -36.77
N VAL B 182 54.34 25.65 -37.99
CA VAL B 182 53.62 25.17 -39.18
C VAL B 182 53.72 23.65 -39.26
N HIS B 183 54.90 23.10 -38.94
CA HIS B 183 55.05 21.65 -38.96
C HIS B 183 54.04 21.03 -38.02
N SER B 184 53.99 21.52 -36.79
CA SER B 184 53.10 20.95 -35.78
C SER B 184 51.66 21.03 -36.23
N LEU B 185 51.25 22.16 -36.79
CA LEU B 185 49.88 22.27 -37.25
C LEU B 185 49.57 21.24 -38.34
N PHE B 186 50.50 21.04 -39.27
CA PHE B 186 50.34 19.99 -40.28
C PHE B 186 50.21 18.61 -39.62
N ARG B 187 51.09 18.29 -38.68
CA ARG B 187 51.09 16.97 -38.06
C ARG B 187 49.86 16.76 -37.18
N ARG B 188 49.32 17.82 -36.56
CA ARG B 188 48.13 17.64 -35.75
C ARG B 188 46.90 17.50 -36.64
N GLN B 189 46.86 18.25 -37.74
CA GLN B 189 45.72 18.15 -38.63
C GLN B 189 45.67 16.81 -39.33
N LEU B 190 46.81 16.36 -39.86
CA LEU B 190 46.83 15.16 -40.69
C LEU B 190 46.40 13.93 -39.94
N ALA B 191 46.57 13.91 -38.61
CA ALA B 191 46.11 12.79 -37.81
C ALA B 191 44.61 12.86 -37.53
N ILE B 192 43.89 13.74 -38.22
CA ILE B 192 42.48 13.95 -37.90
C ILE B 192 41.59 13.80 -39.13
N PRO B 193 40.46 13.11 -39.00
CA PRO B 193 39.62 12.82 -40.15
C PRO B 193 38.75 13.98 -40.61
N LEU B 194 39.26 14.77 -41.55
CA LEU B 194 38.49 15.83 -42.20
C LEU B 194 38.64 15.71 -43.71
N TYR B 195 37.78 16.41 -44.43
CA TYR B 195 37.78 16.38 -45.90
C TYR B 195 39.03 16.98 -46.51
N ASP B 196 39.42 16.45 -47.67
CA ASP B 196 40.58 16.88 -48.43
C ASP B 196 41.83 16.89 -47.56
N MET B 197 42.01 15.83 -46.78
CA MET B 197 43.24 15.84 -46.04
C MET B 197 44.39 15.40 -46.92
N GLU B 198 44.10 14.49 -47.85
CA GLU B 198 45.06 14.13 -48.88
C GLU B 198 45.66 15.36 -49.52
N ALA B 199 44.84 16.39 -49.73
CA ALA B 199 45.36 17.64 -50.26
C ALA B 199 46.35 18.27 -49.29
N THR B 200 46.04 18.24 -48.00
CA THR B 200 46.96 18.82 -47.02
C THR B 200 48.25 18.02 -46.94
N PHE B 201 48.15 16.70 -46.99
CA PHE B 201 49.32 15.85 -47.07
C PHE B 201 50.15 16.19 -48.30
N ALA B 202 49.46 16.49 -49.41
CA ALA B 202 50.13 16.92 -50.62
C ALA B 202 50.93 18.20 -50.39
N GLU B 203 50.23 19.29 -50.03
CA GLU B 203 50.91 20.56 -49.82
C GLU B 203 52.02 20.44 -48.78
N TYR B 204 51.86 19.53 -47.82
CA TYR B 204 52.86 19.31 -46.79
C TYR B 204 54.12 18.68 -47.39
N GLU B 205 53.97 17.55 -48.11
CA GLU B 205 55.11 16.93 -48.79
C GLU B 205 55.86 17.95 -49.65
N GLU B 206 55.14 18.72 -50.47
CA GLU B 206 55.76 19.73 -51.32
C GLU B 206 56.34 20.89 -50.53
N TRP B 207 56.11 20.95 -49.23
CA TRP B 207 56.59 22.03 -48.39
C TRP B 207 57.74 21.60 -47.49
N SER B 208 57.53 20.56 -46.68
CA SER B 208 58.55 20.02 -45.79
C SER B 208 59.52 19.22 -46.64
N GLU B 209 60.64 19.83 -47.02
CA GLU B 209 61.63 19.11 -47.80
C GLU B 209 62.13 17.85 -47.09
N ASP B 210 61.95 17.77 -45.78
CA ASP B 210 62.32 16.59 -45.02
C ASP B 210 61.24 15.53 -45.15
N PRO B 211 61.55 14.28 -44.80
CA PRO B 211 60.54 13.21 -44.90
C PRO B 211 59.38 13.45 -43.94
N ILE B 212 58.21 12.99 -44.34
CA ILE B 212 57.04 13.06 -43.48
C ILE B 212 57.14 11.81 -42.63
N PRO B 213 57.54 11.95 -41.37
CA PRO B 213 57.86 10.79 -40.53
C PRO B 213 56.77 9.73 -40.49
N GLU B 214 57.20 8.49 -40.28
CA GLU B 214 56.29 7.35 -40.27
C GLU B 214 55.22 7.46 -39.18
N SER B 215 55.45 8.22 -38.12
CA SER B 215 54.34 8.47 -37.21
C SER B 215 53.25 9.28 -37.90
N VAL B 216 53.68 10.29 -38.67
CA VAL B 216 52.76 11.12 -39.43
C VAL B 216 52.16 10.36 -40.61
N ILE B 217 52.93 9.46 -41.25
CA ILE B 217 52.36 8.67 -42.34
C ILE B 217 51.35 7.66 -41.79
N GLN B 218 51.70 7.02 -40.68
CA GLN B 218 50.80 6.03 -40.10
C GLN B 218 49.50 6.68 -39.64
N ASN B 219 49.62 7.75 -38.85
CA ASN B 219 48.44 8.46 -38.35
C ASN B 219 47.63 9.06 -39.49
N TYR B 220 48.30 9.64 -40.48
CA TYR B 220 47.60 10.15 -41.65
C TYR B 220 46.78 9.07 -42.34
N ASN B 221 47.32 7.84 -42.45
CA ASN B 221 46.62 6.75 -43.14
C ASN B 221 45.47 6.17 -42.31
N LYS B 222 45.65 6.02 -40.99
CA LYS B 222 44.48 5.63 -40.22
C LYS B 222 43.43 6.73 -40.22
N ALA B 223 43.87 7.98 -40.31
CA ALA B 223 42.91 9.07 -40.41
C ALA B 223 42.13 8.99 -41.72
N LEU B 224 42.82 8.75 -42.84
CA LEU B 224 42.13 8.56 -44.11
C LEU B 224 41.16 7.41 -44.00
N GLN B 225 41.52 6.40 -43.22
CA GLN B 225 40.60 5.29 -42.95
C GLN B 225 39.41 5.75 -42.14
N GLN B 226 39.57 6.81 -41.34
CA GLN B 226 38.44 7.35 -40.62
C GLN B 226 37.51 8.18 -41.51
N LEU B 227 38.06 8.87 -42.51
CA LEU B 227 37.20 9.50 -43.52
C LEU B 227 36.39 8.47 -44.25
N GLU B 228 37.06 7.43 -44.78
CA GLU B 228 36.34 6.39 -45.49
C GLU B 228 35.34 5.69 -44.58
N LYS B 229 35.64 5.60 -43.28
CA LYS B 229 34.69 5.02 -42.33
C LYS B 229 33.44 5.88 -42.23
N TYR B 230 33.63 7.19 -42.17
CA TYR B 230 32.56 8.13 -41.88
C TYR B 230 31.81 8.63 -43.09
N LYS B 231 32.33 8.41 -44.30
CA LYS B 231 31.69 8.94 -45.51
C LYS B 231 30.19 8.69 -45.57
N PRO B 232 29.68 7.46 -45.39
CA PRO B 232 28.23 7.25 -45.57
C PRO B 232 27.38 8.09 -44.64
N TYR B 233 27.90 8.43 -43.48
CA TYR B 233 27.15 9.22 -42.51
C TYR B 233 27.10 10.69 -42.93
N GLU B 234 28.24 11.24 -43.29
CA GLU B 234 28.28 12.62 -43.75
C GLU B 234 27.44 12.81 -45.01
N GLU B 235 27.53 11.87 -45.96
CA GLU B 235 26.67 11.95 -47.14
C GLU B 235 25.20 11.68 -46.80
N ALA B 236 24.93 11.01 -45.68
CA ALA B 236 23.54 10.96 -45.21
C ALA B 236 23.07 12.34 -44.81
N LEU B 237 23.91 13.09 -44.09
CA LEU B 237 23.56 14.47 -43.76
C LEU B 237 23.40 15.32 -45.01
N LEU B 238 24.28 15.14 -45.99
CA LEU B 238 24.28 16.04 -47.13
C LEU B 238 22.99 15.95 -47.90
N GLN B 239 22.55 14.72 -48.17
CA GLN B 239 21.31 14.44 -48.88
C GLN B 239 20.05 14.90 -48.14
N ALA B 240 20.03 14.69 -46.83
CA ALA B 240 18.85 15.03 -46.01
C ALA B 240 18.51 16.52 -45.99
N GLU B 241 17.22 16.70 -45.85
CA GLU B 241 16.56 17.95 -45.78
C GLU B 241 16.26 18.39 -44.37
N ALA B 242 15.83 19.63 -44.26
CA ALA B 242 15.40 20.27 -43.04
C ALA B 242 16.49 20.29 -42.03
N PRO B 243 16.15 19.95 -40.79
CA PRO B 243 17.07 19.85 -39.68
C PRO B 243 17.74 18.52 -39.64
N ARG B 244 17.36 17.58 -40.47
CA ARG B 244 18.01 16.31 -40.58
C ARG B 244 18.24 15.60 -39.26
N LEU B 245 17.20 15.48 -38.45
CA LEU B 245 17.29 14.85 -37.16
C LEU B 245 17.62 13.39 -37.15
N ALA B 246 16.95 12.63 -37.97
CA ALA B 246 17.22 11.19 -38.02
C ALA B 246 18.69 10.92 -38.26
N GLU B 247 19.25 11.56 -39.29
CA GLU B 247 20.64 11.34 -39.67
C GLU B 247 21.57 11.70 -38.53
N TYR B 248 21.26 12.78 -37.82
CA TYR B 248 22.03 13.13 -36.64
C TYR B 248 21.92 12.06 -35.54
N GLN B 249 20.73 11.49 -35.35
CA GLN B 249 20.60 10.46 -34.31
C GLN B 249 21.38 9.21 -34.65
N ALA B 250 21.36 8.79 -35.92
CA ALA B 250 22.17 7.66 -36.36
C ALA B 250 23.67 7.93 -36.17
N TYR B 251 24.12 9.12 -36.58
CA TYR B 251 25.52 9.50 -36.41
C TYR B 251 25.89 9.59 -34.92
N ILE B 252 25.01 10.17 -34.11
CA ILE B 252 25.20 10.21 -32.66
C ILE B 252 25.43 8.81 -32.11
N ASP B 253 24.56 7.88 -32.50
CA ASP B 253 24.68 6.51 -32.03
C ASP B 253 25.99 5.90 -32.44
N PHE B 254 26.30 5.93 -33.73
CA PHE B 254 27.54 5.34 -34.25
C PHE B 254 28.74 5.86 -33.48
N GLU B 255 28.86 7.17 -33.37
CA GLU B 255 29.97 7.76 -32.64
C GLU B 255 29.96 7.40 -31.16
N MET B 256 28.77 7.26 -30.56
CA MET B 256 28.68 6.93 -29.14
C MET B 256 29.16 5.52 -28.87
N LYS B 257 28.93 4.60 -29.80
CA LYS B 257 29.50 3.27 -29.67
CA LYS B 257 29.50 3.27 -29.66
C LYS B 257 31.01 3.29 -29.93
N ILE B 258 31.45 4.03 -30.95
CA ILE B 258 32.90 4.19 -31.14
C ILE B 258 33.51 4.83 -29.89
N GLY B 259 32.73 5.63 -29.17
CA GLY B 259 33.04 6.03 -27.82
C GLY B 259 34.13 7.07 -27.57
N ASP B 260 34.50 7.87 -28.57
CA ASP B 260 35.46 8.96 -28.32
C ASP B 260 34.70 10.14 -27.72
N PRO B 261 35.01 10.55 -26.49
CA PRO B 261 34.24 11.65 -25.87
C PRO B 261 34.30 12.94 -26.68
N ALA B 262 35.47 13.25 -27.25
CA ALA B 262 35.58 14.43 -28.11
C ALA B 262 34.61 14.34 -29.27
N ARG B 263 34.63 13.21 -29.99
CA ARG B 263 33.82 13.09 -31.20
C ARG B 263 32.34 12.97 -30.90
N ILE B 264 31.97 12.49 -29.71
CA ILE B 264 30.54 12.47 -29.41
C ILE B 264 30.08 13.83 -28.93
N GLN B 265 30.95 14.61 -28.26
CA GLN B 265 30.58 16.01 -28.06
C GLN B 265 30.36 16.68 -29.39
N LEU B 266 31.30 16.51 -30.33
CA LEU B 266 31.19 17.17 -31.62
C LEU B 266 29.89 16.80 -32.34
N ILE B 267 29.50 15.52 -32.38
CA ILE B 267 28.27 15.25 -33.12
C ILE B 267 27.04 15.68 -32.33
N PHE B 268 27.13 15.67 -31.01
CA PHE B 268 26.00 16.19 -30.25
C PHE B 268 25.81 17.67 -30.54
N GLU B 269 26.90 18.40 -30.67
CA GLU B 269 26.82 19.81 -30.96
C GLU B 269 26.32 20.02 -32.38
N ARG B 270 26.95 19.37 -33.36
CA ARG B 270 26.53 19.54 -34.75
C ARG B 270 25.05 19.24 -34.91
N ALA B 271 24.56 18.21 -34.21
CA ALA B 271 23.13 17.92 -34.27
C ALA B 271 22.33 18.99 -33.53
N LEU B 272 22.90 19.55 -32.49
CA LEU B 272 22.15 20.48 -31.65
C LEU B 272 21.96 21.83 -32.32
N VAL B 273 22.91 22.29 -33.13
CA VAL B 273 22.73 23.60 -33.75
C VAL B 273 21.51 23.58 -34.66
N GLU B 274 21.28 22.47 -35.33
CA GLU B 274 20.18 22.34 -36.28
C GLU B 274 18.90 21.86 -35.64
N ASN B 275 19.01 21.23 -34.46
CA ASN B 275 17.93 20.56 -33.73
C ASN B 275 17.91 21.02 -32.29
N CYS B 276 18.00 22.33 -32.08
CA CYS B 276 18.15 22.85 -30.73
C CYS B 276 16.83 23.00 -29.98
N LEU B 277 15.71 22.72 -30.62
CA LEU B 277 14.40 22.86 -30.01
C LEU B 277 13.86 21.53 -29.53
N VAL B 278 14.63 20.46 -29.79
CA VAL B 278 14.31 19.08 -29.49
C VAL B 278 14.79 18.80 -28.07
N PRO B 279 13.93 18.89 -27.04
CA PRO B 279 14.45 18.85 -25.67
C PRO B 279 15.09 17.52 -25.38
N ASP B 280 14.54 16.43 -25.92
CA ASP B 280 15.06 15.10 -25.63
C ASP B 280 16.48 14.94 -26.13
N LEU B 281 16.86 15.69 -27.18
CA LEU B 281 18.25 15.69 -27.62
C LEU B 281 19.14 16.38 -26.61
N TRP B 282 18.66 17.50 -26.07
CA TRP B 282 19.38 18.14 -24.99
C TRP B 282 19.51 17.19 -23.80
N ILE B 283 18.48 16.38 -23.54
CA ILE B 283 18.56 15.45 -22.42
C ILE B 283 19.57 14.34 -22.70
N ARG B 284 19.58 13.78 -23.92
CA ARG B 284 20.60 12.79 -24.27
C ARG B 284 22.01 13.34 -24.05
N TYR B 285 22.32 14.50 -24.64
CA TYR B 285 23.64 15.11 -24.49
C TYR B 285 23.92 15.45 -23.02
N SER B 286 22.97 16.15 -22.40
CA SER B 286 23.05 16.56 -21.01
C SER B 286 23.40 15.38 -20.14
N GLN B 287 22.69 14.27 -20.35
CA GLN B 287 22.82 13.08 -19.55
C GLN B 287 24.18 12.41 -19.77
N TYR B 288 24.62 12.31 -21.03
CA TYR B 288 25.95 11.76 -21.30
C TYR B 288 27.03 12.52 -20.52
N LEU B 289 27.01 13.86 -20.58
CA LEU B 289 27.99 14.63 -19.79
C LEU B 289 27.73 14.52 -18.30
N ASP B 290 26.46 14.63 -17.90
CA ASP B 290 26.08 14.75 -16.50
C ASP B 290 26.48 13.52 -15.71
N ARG B 291 26.28 12.34 -16.30
CA ARG B 291 26.56 11.06 -15.68
C ARG B 291 27.90 10.46 -16.05
N GLN B 292 28.48 10.79 -17.20
CA GLN B 292 29.60 9.96 -17.64
C GLN B 292 30.97 10.61 -17.54
N LEU B 293 31.16 11.87 -17.92
CA LEU B 293 32.42 12.56 -17.69
C LEU B 293 32.12 13.89 -17.01
N LYS B 294 31.59 13.81 -15.78
CA LYS B 294 31.00 14.99 -15.11
C LYS B 294 32.11 15.99 -14.78
N VAL B 295 32.51 16.76 -15.80
CA VAL B 295 33.35 17.93 -15.59
C VAL B 295 32.43 19.14 -15.38
N LYS B 296 32.57 19.80 -14.22
CA LYS B 296 31.60 20.81 -13.77
C LYS B 296 31.26 21.82 -14.83
N ASP B 297 32.28 22.57 -15.28
CA ASP B 297 32.00 23.73 -16.11
C ASP B 297 31.32 23.32 -17.38
N LEU B 298 31.70 22.17 -17.92
CA LEU B 298 31.10 21.75 -19.17
C LEU B 298 29.63 21.36 -18.98
N VAL B 299 29.30 20.61 -17.92
CA VAL B 299 27.92 20.17 -17.78
C VAL B 299 27.04 21.34 -17.36
N LEU B 300 27.53 22.20 -16.49
CA LEU B 300 26.73 23.36 -16.11
C LEU B 300 26.46 24.24 -17.31
N SER B 301 27.49 24.49 -18.13
CA SER B 301 27.32 25.17 -19.42
C SER B 301 26.24 24.53 -20.28
N VAL B 302 26.32 23.22 -20.52
CA VAL B 302 25.36 22.60 -21.42
C VAL B 302 23.95 22.62 -20.83
N HIS B 303 23.82 22.57 -19.51
CA HIS B 303 22.49 22.61 -18.93
C HIS B 303 21.88 23.99 -19.14
N ASN B 304 22.67 25.03 -18.85
CA ASN B 304 22.24 26.41 -19.06
C ASN B 304 21.83 26.63 -20.51
N ARG B 305 22.63 26.16 -21.43
CA ARG B 305 22.27 26.29 -22.83
C ARG B 305 20.98 25.56 -23.14
N ALA B 306 20.71 24.44 -22.46
CA ALA B 306 19.47 23.71 -22.67
C ALA B 306 18.25 24.53 -22.20
N ILE B 307 18.34 25.12 -21.00
CA ILE B 307 17.22 25.90 -20.49
C ILE B 307 17.07 27.22 -21.24
N ARG B 308 18.10 27.66 -21.98
CA ARG B 308 17.89 28.82 -22.86
C ARG B 308 17.25 28.41 -24.19
N ASN B 309 17.54 27.21 -24.70
CA ASN B 309 16.97 26.81 -25.98
C ASN B 309 15.56 26.22 -25.88
N CYS B 310 15.24 25.49 -24.80
CA CYS B 310 13.90 24.88 -24.61
C CYS B 310 13.37 25.16 -23.21
N PRO B 311 13.01 26.41 -22.90
CA PRO B 311 12.64 26.73 -21.52
C PRO B 311 11.30 26.13 -21.08
N TRP B 312 10.52 25.56 -22.00
CA TRP B 312 9.19 25.08 -21.71
C TRP B 312 9.15 23.66 -21.13
N THR B 313 10.27 22.96 -21.13
CA THR B 313 10.31 21.60 -20.58
C THR B 313 10.96 21.65 -19.20
N VAL B 314 10.10 21.56 -18.17
CA VAL B 314 10.51 21.64 -16.77
C VAL B 314 11.60 20.62 -16.47
N ALA B 315 11.58 19.48 -17.14
CA ALA B 315 12.61 18.48 -16.91
C ALA B 315 14.01 19.09 -17.04
N LEU B 316 14.21 19.99 -18.02
CA LEU B 316 15.51 20.61 -18.25
C LEU B 316 15.92 21.48 -17.08
N TRP B 317 14.98 22.26 -16.54
CA TRP B 317 15.24 23.04 -15.35
C TRP B 317 15.56 22.16 -14.15
N SER B 318 14.85 21.03 -14.02
CA SER B 318 15.05 20.10 -12.91
C SER B 318 16.45 19.53 -12.93
N ARG B 319 16.84 18.96 -14.07
CA ARG B 319 18.17 18.38 -14.22
C ARG B 319 19.22 19.45 -14.04
N TYR B 320 18.93 20.69 -14.45
CA TYR B 320 19.88 21.77 -14.25
C TYR B 320 20.05 22.08 -12.77
N LEU B 321 18.95 22.24 -12.04
CA LEU B 321 19.03 22.43 -10.59
C LEU B 321 19.75 21.27 -9.89
N LEU B 322 19.44 20.02 -10.29
CA LEU B 322 20.17 18.86 -9.78
C LEU B 322 21.66 18.94 -10.08
N ALA B 323 21.99 19.32 -11.31
CA ALA B 323 23.38 19.53 -11.73
C ALA B 323 24.07 20.57 -10.87
N MET B 324 23.43 21.72 -10.67
CA MET B 324 24.03 22.77 -9.86
C MET B 324 24.28 22.29 -8.45
N GLU B 325 23.28 21.62 -7.86
CA GLU B 325 23.40 21.08 -6.52
C GLU B 325 24.55 20.08 -6.43
N ARG B 326 24.64 19.20 -7.42
CA ARG B 326 25.68 18.19 -7.44
C ARG B 326 27.05 18.84 -7.44
N HIS B 327 27.21 19.91 -8.20
CA HIS B 327 28.51 20.54 -8.38
C HIS B 327 28.73 21.71 -7.41
N GLY B 328 27.99 21.78 -6.31
CA GLY B 328 28.34 22.74 -5.28
C GLY B 328 28.20 24.18 -5.71
N VAL B 329 27.34 24.46 -6.70
CA VAL B 329 27.04 25.83 -7.10
C VAL B 329 26.57 26.59 -5.88
N ASP B 330 27.01 27.84 -5.78
CA ASP B 330 26.66 28.68 -4.65
C ASP B 330 25.15 28.72 -4.43
N HIS B 331 24.75 28.91 -3.17
CA HIS B 331 23.33 28.83 -2.81
C HIS B 331 22.51 29.85 -3.59
N GLN B 332 22.98 31.11 -3.60
CA GLN B 332 22.21 32.21 -4.17
C GLN B 332 21.97 32.00 -5.66
N VAL B 333 22.95 31.39 -6.33
CA VAL B 333 22.79 31.12 -7.75
C VAL B 333 21.68 30.14 -8.00
N ILE B 334 21.62 29.07 -7.19
CA ILE B 334 20.58 28.07 -7.37
C ILE B 334 19.24 28.69 -7.12
N SER B 335 19.11 29.49 -6.05
CA SER B 335 17.85 30.17 -5.80
C SER B 335 17.42 31.02 -7.01
N VAL B 336 18.31 31.88 -7.50
CA VAL B 336 17.97 32.72 -8.66
C VAL B 336 17.59 31.86 -9.86
N THR B 337 18.29 30.74 -10.06
CA THR B 337 17.95 29.87 -11.18
C THR B 337 16.55 29.31 -11.02
N PHE B 338 16.17 28.97 -9.79
CA PHE B 338 14.82 28.48 -9.54
C PHE B 338 13.79 29.53 -9.92
N GLU B 339 14.07 30.78 -9.57
CA GLU B 339 13.18 31.88 -9.95
C GLU B 339 12.99 32.00 -11.45
N LYS B 340 14.10 31.89 -12.20
CA LYS B 340 13.98 31.80 -13.65
C LYS B 340 13.09 30.62 -14.07
N ALA B 341 13.27 29.46 -13.42
CA ALA B 341 12.47 28.27 -13.74
C ALA B 341 10.99 28.49 -13.48
N LEU B 342 10.64 29.07 -12.32
CA LEU B 342 9.26 29.43 -12.09
C LEU B 342 8.73 30.29 -13.24
N ASN B 343 9.49 31.32 -13.62
CA ASN B 343 9.01 32.28 -14.63
C ASN B 343 8.98 31.73 -16.05
N ALA B 344 9.62 30.58 -16.33
CA ALA B 344 9.71 30.08 -17.70
C ALA B 344 8.36 29.84 -18.38
N GLY B 345 7.30 29.67 -17.61
CA GLY B 345 5.98 29.35 -18.16
C GLY B 345 5.90 27.96 -18.78
N PHE B 346 5.32 27.02 -18.02
CA PHE B 346 5.05 25.65 -18.45
C PHE B 346 3.57 25.46 -18.79
N ILE B 347 3.32 24.43 -19.60
CA ILE B 347 1.99 24.21 -20.17
C ILE B 347 1.12 23.25 -19.34
N GLN B 348 1.64 22.72 -18.23
CA GLN B 348 0.91 21.79 -17.40
C GLN B 348 1.17 22.11 -15.93
N ALA B 349 0.14 21.97 -15.08
CA ALA B 349 0.32 22.25 -13.66
C ALA B 349 1.27 21.25 -13.00
N THR B 350 1.22 19.99 -13.44
CA THR B 350 2.18 18.99 -12.95
C THR B 350 3.62 19.47 -13.08
N ASP B 351 3.89 20.36 -14.06
CA ASP B 351 5.25 20.90 -14.21
C ASP B 351 5.59 21.87 -13.10
N TYR B 352 4.61 22.65 -12.62
CA TYR B 352 4.90 23.61 -11.56
C TYR B 352 5.07 22.90 -10.23
N VAL B 353 4.29 21.84 -10.02
CA VAL B 353 4.53 20.98 -8.88
C VAL B 353 5.91 20.35 -8.97
N GLU B 354 6.27 19.90 -10.18
CA GLU B 354 7.56 19.25 -10.39
C GLU B 354 8.72 20.16 -10.03
N ILE B 355 8.76 21.38 -10.58
CA ILE B 355 9.90 22.25 -10.29
C ILE B 355 9.89 22.68 -8.82
N TRP B 356 8.70 22.93 -8.25
CA TRP B 356 8.67 23.24 -6.83
C TRP B 356 9.24 22.10 -5.98
N GLN B 357 8.90 20.87 -6.34
CA GLN B 357 9.40 19.72 -5.60
C GLN B 357 10.91 19.60 -5.72
N ALA B 358 11.45 19.83 -6.92
CA ALA B 358 12.90 19.88 -7.12
C ALA B 358 13.54 20.89 -6.17
N TYR B 359 13.01 22.11 -6.15
CA TYR B 359 13.59 23.14 -5.30
C TYR B 359 13.52 22.73 -3.84
N LEU B 360 12.39 22.18 -3.43
CA LEU B 360 12.23 21.80 -2.04
C LEU B 360 13.16 20.64 -1.64
N ASP B 361 13.32 19.63 -2.48
CA ASP B 361 14.30 18.58 -2.20
C ASP B 361 15.69 19.14 -1.98
N TYR B 362 16.12 20.07 -2.86
CA TYR B 362 17.39 20.78 -2.64
C TYR B 362 17.42 21.44 -1.26
N LEU B 363 16.36 22.17 -0.93
CA LEU B 363 16.32 22.89 0.34
C LEU B 363 16.39 21.94 1.52
N ARG B 364 15.76 20.78 1.41
CA ARG B 364 15.78 19.80 2.48
C ARG B 364 17.17 19.23 2.64
N ARG B 365 17.82 18.88 1.53
CA ARG B 365 19.18 18.38 1.56
C ARG B 365 20.16 19.45 2.06
N ARG B 366 19.66 20.60 2.45
CA ARG B 366 20.50 21.65 2.97
C ARG B 366 20.52 21.74 4.46
N VAL B 367 19.59 21.08 5.10
CA VAL B 367 19.39 21.16 6.53
C VAL B 367 20.02 20.08 7.38
N ASP B 368 20.56 20.42 8.53
CA ASP B 368 21.05 19.38 9.42
C ASP B 368 19.90 19.24 10.38
N PHE B 369 19.40 18.04 10.58
CA PHE B 369 18.24 17.87 11.41
C PHE B 369 18.48 17.43 12.82
N LYS B 370 19.72 17.40 13.25
CA LYS B 370 20.06 16.91 14.58
C LYS B 370 20.42 17.99 15.54
N GLN B 371 19.86 19.16 15.31
CA GLN B 371 20.07 20.32 16.13
C GLN B 371 18.71 20.88 16.50
N ASP B 372 18.54 21.46 17.68
CA ASP B 372 17.21 21.95 18.06
C ASP B 372 16.58 22.77 16.93
N SER B 373 17.28 23.77 16.41
CA SER B 373 16.73 24.60 15.35
C SER B 373 17.82 25.00 14.38
N SER B 374 17.40 25.48 13.22
CA SER B 374 18.26 25.77 12.08
C SER B 374 17.75 26.99 11.34
N LYS B 375 18.68 27.65 10.70
CA LYS B 375 18.39 28.67 9.75
C LYS B 375 17.86 28.02 8.49
N GLU B 376 18.46 26.89 8.09
CA GLU B 376 18.18 26.16 6.85
C GLU B 376 16.85 25.45 6.93
N LEU B 377 16.51 24.94 8.12
CA LEU B 377 15.20 24.32 8.31
C LEU B 377 14.08 25.35 8.15
N GLU B 378 14.31 26.57 8.66
CA GLU B 378 13.31 27.61 8.55
C GLU B 378 13.12 28.06 7.11
N GLU B 379 14.21 28.15 6.36
CA GLU B 379 14.12 28.40 4.93
C GLU B 379 13.34 27.29 4.23
N LEU B 380 13.53 26.04 4.68
CA LEU B 380 12.80 24.93 4.07
C LEU B 380 11.30 25.08 4.30
N ARG B 381 10.91 25.32 5.56
CA ARG B 381 9.51 25.47 5.89
C ARG B 381 8.91 26.65 5.14
N ALA B 382 9.63 27.78 5.13
CA ALA B 382 9.15 28.96 4.43
C ALA B 382 8.93 28.68 2.95
N ALA B 383 9.87 27.95 2.34
CA ALA B 383 9.72 27.55 0.94
C ALA B 383 8.52 26.63 0.73
N PHE B 384 8.23 25.80 1.73
CA PHE B 384 7.03 24.96 1.66
C PHE B 384 5.76 25.81 1.67
N THR B 385 5.67 26.78 2.59
CA THR B 385 4.51 27.65 2.63
C THR B 385 4.37 28.41 1.31
N ARG B 386 5.49 28.97 0.83
CA ARG B 386 5.48 29.69 -0.44
C ARG B 386 5.02 28.79 -1.58
N ALA B 387 5.49 27.54 -1.59
CA ALA B 387 5.13 26.62 -2.67
C ALA B 387 3.64 26.33 -2.67
N LEU B 388 3.08 26.11 -1.47
CA LEU B 388 1.65 25.81 -1.36
C LEU B 388 0.80 26.99 -1.78
N GLU B 389 1.18 28.21 -1.33
CA GLU B 389 0.42 29.40 -1.72
C GLU B 389 0.50 29.63 -3.22
N TYR B 390 1.69 29.44 -3.80
CA TYR B 390 1.87 29.58 -5.24
C TYR B 390 1.03 28.57 -6.00
N LEU B 391 0.80 27.38 -5.43
CA LEU B 391 -0.12 26.46 -6.08
C LEU B 391 -1.59 26.85 -5.83
N LYS B 392 -1.85 27.49 -4.71
CA LYS B 392 -3.19 27.98 -4.44
C LYS B 392 -3.57 29.11 -5.39
N GLN B 393 -2.60 29.98 -5.71
CA GLN B 393 -2.89 31.18 -6.47
C GLN B 393 -2.51 31.04 -7.95
N GLU B 394 -1.22 31.19 -8.29
CA GLU B 394 -0.80 31.31 -9.69
C GLU B 394 -1.26 30.12 -10.54
N VAL B 395 -1.04 28.89 -10.03
CA VAL B 395 -1.31 27.69 -10.80
C VAL B 395 -2.81 27.47 -10.96
N GLU B 396 -3.58 27.73 -9.90
CA GLU B 396 -5.04 27.65 -9.97
C GLU B 396 -5.60 28.72 -10.90
N GLU B 397 -5.10 29.94 -10.75
CA GLU B 397 -5.63 31.04 -11.54
C GLU B 397 -5.33 30.86 -13.02
N ARG B 398 -4.28 30.10 -13.35
CA ARG B 398 -3.94 29.91 -14.75
C ARG B 398 -4.39 28.56 -15.31
N PHE B 399 -4.80 27.61 -14.45
CA PHE B 399 -5.13 26.28 -14.92
C PHE B 399 -6.46 25.72 -14.43
N ASN B 400 -7.07 26.29 -13.39
CA ASN B 400 -8.24 25.70 -12.72
C ASN B 400 -7.95 24.26 -12.30
N GLU B 401 -6.83 24.10 -11.59
CA GLU B 401 -6.32 22.82 -11.12
C GLU B 401 -5.36 23.13 -9.98
N SER B 402 -5.08 22.13 -9.15
CA SER B 402 -4.10 22.38 -8.09
C SER B 402 -2.70 21.95 -8.48
N GLY B 403 -2.56 21.13 -9.53
CA GLY B 403 -1.28 20.57 -9.90
C GLY B 403 -1.02 19.22 -9.26
N ASP B 404 -1.05 19.16 -7.93
CA ASP B 404 -1.12 17.85 -7.26
C ASP B 404 -2.48 17.71 -6.62
N PRO B 405 -3.38 16.92 -7.19
CA PRO B 405 -4.68 16.74 -6.56
C PRO B 405 -4.53 15.97 -5.26
N SER B 406 -3.49 15.17 -5.19
CA SER B 406 -3.23 14.31 -4.04
C SER B 406 -2.23 14.93 -3.08
N CYS B 407 -2.15 16.26 -3.07
CA CYS B 407 -1.37 17.02 -2.08
C CYS B 407 -0.01 16.39 -1.78
N VAL B 408 0.79 16.12 -2.82
CA VAL B 408 2.09 15.52 -2.60
C VAL B 408 3.08 16.48 -1.93
N ILE B 409 3.02 17.78 -2.25
CA ILE B 409 3.92 18.69 -1.55
C ILE B 409 3.65 18.60 -0.06
N MET B 410 2.38 18.63 0.31
CA MET B 410 2.02 18.57 1.72
C MET B 410 2.44 17.27 2.34
N GLN B 411 2.25 16.17 1.62
CA GLN B 411 2.67 14.87 2.12
C GLN B 411 4.16 14.92 2.46
N ASN B 412 5.00 15.27 1.49
CA ASN B 412 6.44 15.35 1.74
C ASN B 412 6.76 16.22 2.94
N TRP B 413 6.02 17.32 3.10
CA TRP B 413 6.20 18.17 4.27
C TRP B 413 5.88 17.42 5.56
N ALA B 414 4.75 16.73 5.59
CA ALA B 414 4.35 16.01 6.79
C ALA B 414 5.40 14.98 7.15
N ARG B 415 5.81 14.15 6.16
CA ARG B 415 6.89 13.21 6.37
CA ARG B 415 6.90 13.22 6.36
C ARG B 415 8.09 13.89 7.02
N ILE B 416 8.55 15.02 6.44
CA ILE B 416 9.72 15.68 7.00
C ILE B 416 9.48 16.08 8.44
N GLU B 417 8.35 16.73 8.70
CA GLU B 417 8.10 17.26 10.04
C GLU B 417 8.05 16.13 11.06
N ALA B 418 7.35 15.05 10.73
CA ALA B 418 7.13 13.95 11.68
C ALA B 418 8.40 13.15 11.90
N ARG B 419 8.97 12.64 10.81
CA ARG B 419 10.11 11.74 10.92
C ARG B 419 11.39 12.48 11.29
N LEU B 420 11.58 13.71 10.81
CA LEU B 420 12.85 14.38 11.08
C LEU B 420 12.79 15.48 12.13
N CYS B 421 11.70 16.25 12.21
CA CYS B 421 11.62 17.41 13.09
C CYS B 421 10.91 17.18 14.42
N ASN B 422 10.43 15.98 14.70
CA ASN B 422 9.82 15.72 15.99
C ASN B 422 8.51 16.47 16.09
N ASN B 423 8.16 17.12 14.97
CA ASN B 423 6.98 17.96 14.92
C ASN B 423 5.84 17.09 14.40
N MET B 424 5.12 16.48 15.31
CA MET B 424 4.06 15.62 14.83
C MET B 424 2.78 16.41 14.63
N GLN B 425 2.62 17.50 15.39
CA GLN B 425 1.43 18.32 15.29
C GLN B 425 1.27 18.90 13.89
N LYS B 426 2.35 19.46 13.34
CA LYS B 426 2.30 20.03 11.99
C LYS B 426 1.90 18.97 10.98
N ALA B 427 2.41 17.75 11.16
CA ALA B 427 2.06 16.66 10.26
C ALA B 427 0.58 16.35 10.36
N ARG B 428 0.04 16.37 11.58
CA ARG B 428 -1.38 16.14 11.74
C ARG B 428 -2.19 17.22 11.04
N GLU B 429 -1.78 18.49 11.22
CA GLU B 429 -2.44 19.58 10.53
C GLU B 429 -2.43 19.37 9.03
N LEU B 430 -1.24 19.16 8.47
CA LEU B 430 -1.11 18.96 7.03
C LEU B 430 -1.98 17.82 6.54
N TRP B 431 -2.11 16.75 7.32
CA TRP B 431 -2.96 15.68 6.80
C TRP B 431 -4.43 16.03 6.94
N ASP B 432 -4.78 16.86 7.92
CA ASP B 432 -6.11 17.47 7.95
C ASP B 432 -6.39 18.13 6.62
N SER B 433 -5.51 19.07 6.25
CA SER B 433 -5.62 19.80 4.99
C SER B 433 -5.68 18.85 3.79
N ILE B 434 -4.89 17.78 3.81
CA ILE B 434 -4.84 16.88 2.66
C ILE B 434 -6.17 16.18 2.50
N MET B 435 -6.75 15.76 3.63
CA MET B 435 -7.96 14.97 3.63
C MET B 435 -9.18 15.84 3.33
N THR B 436 -9.10 17.14 3.60
CA THR B 436 -10.24 18.01 3.38
C THR B 436 -10.46 18.27 1.90
N ARG B 437 -9.40 18.23 1.09
CA ARG B 437 -9.55 18.48 -0.34
CA ARG B 437 -9.53 18.46 -0.34
C ARG B 437 -10.11 17.25 -1.06
N GLY B 438 -10.88 16.41 -0.35
CA GLY B 438 -11.43 15.23 -1.00
C GLY B 438 -10.49 14.05 -1.13
N ASN B 439 -9.33 14.08 -0.49
CA ASN B 439 -8.48 12.89 -0.45
C ASN B 439 -8.96 11.84 0.54
N ALA B 440 -9.99 12.15 1.34
CA ALA B 440 -10.47 11.19 2.34
C ALA B 440 -11.31 10.08 1.75
N LYS B 441 -11.72 10.19 0.49
CA LYS B 441 -12.41 9.06 -0.12
C LYS B 441 -11.48 7.95 -0.54
N TYR B 442 -10.16 8.11 -0.39
CA TYR B 442 -9.19 7.18 -0.97
C TYR B 442 -8.50 6.35 0.12
N ALA B 443 -8.58 5.03 -0.03
CA ALA B 443 -7.96 4.17 0.98
C ALA B 443 -6.46 4.37 1.02
N ASN B 444 -5.81 4.50 -0.14
CA ASN B 444 -4.36 4.67 -0.14
C ASN B 444 -3.95 5.85 0.74
N MET B 445 -4.66 6.97 0.62
CA MET B 445 -4.35 8.15 1.43
C MET B 445 -4.45 7.85 2.91
N TRP B 446 -5.56 7.22 3.31
CA TRP B 446 -5.75 6.88 4.72
C TRP B 446 -4.60 6.03 5.22
N LEU B 447 -4.14 5.08 4.39
CA LEU B 447 -3.06 4.20 4.81
C LEU B 447 -1.72 4.92 4.84
N GLU B 448 -1.53 5.92 3.96
CA GLU B 448 -0.32 6.74 3.99
C GLU B 448 -0.24 7.50 5.31
N TYR B 449 -1.35 8.10 5.72
CA TYR B 449 -1.38 8.81 6.99
C TYR B 449 -1.26 7.85 8.16
N TYR B 450 -2.01 6.74 8.13
CA TYR B 450 -1.88 5.72 9.18
C TYR B 450 -0.44 5.31 9.38
N ASN B 451 0.23 4.91 8.29
CA ASN B 451 1.64 4.53 8.36
C ASN B 451 2.48 5.64 8.97
N LEU B 452 2.14 6.89 8.67
CA LEU B 452 2.82 7.99 9.33
C LEU B 452 2.61 7.97 10.85
N GLU B 453 1.36 7.78 11.30
CA GLU B 453 1.10 7.80 12.75
C GLU B 453 1.78 6.63 13.43
N ARG B 454 1.72 5.46 12.80
CA ARG B 454 2.38 4.26 13.30
C ARG B 454 3.89 4.46 13.40
N ALA B 455 4.46 5.10 12.38
CA ALA B 455 5.88 5.39 12.37
C ALA B 455 6.29 6.31 13.51
N HIS B 456 5.58 7.44 13.69
CA HIS B 456 6.00 8.45 14.67
C HIS B 456 4.88 8.98 15.56
N GLY B 457 3.69 8.40 15.54
CA GLY B 457 2.63 8.81 16.44
C GLY B 457 2.51 7.87 17.62
N ASP B 458 1.30 7.41 17.94
CA ASP B 458 1.08 6.41 18.97
C ASP B 458 -0.10 5.56 18.56
N THR B 459 -0.41 4.55 19.36
CA THR B 459 -1.43 3.62 18.91
C THR B 459 -2.82 4.26 18.93
N GLN B 460 -3.07 5.15 19.90
CA GLN B 460 -4.33 5.89 19.92
C GLN B 460 -4.57 6.62 18.61
N HIS B 461 -3.58 7.40 18.14
CA HIS B 461 -3.77 8.15 16.90
C HIS B 461 -3.95 7.23 15.71
N CYS B 462 -3.27 6.08 15.69
CA CYS B 462 -3.46 5.11 14.61
C CYS B 462 -4.88 4.57 14.62
N ARG B 463 -5.43 4.34 15.82
CA ARG B 463 -6.81 3.89 15.94
C ARG B 463 -7.76 4.95 15.43
N LYS B 464 -7.60 6.20 15.89
CA LYS B 464 -8.48 7.26 15.41
C LYS B 464 -8.43 7.30 13.89
N ALA B 465 -7.21 7.37 13.34
CA ALA B 465 -7.00 7.40 11.90
C ALA B 465 -7.72 6.27 11.19
N LEU B 466 -7.63 5.06 11.73
CA LEU B 466 -8.20 3.93 10.99
C LEU B 466 -9.71 3.86 11.13
N HIS B 467 -10.24 4.36 12.23
CA HIS B 467 -11.69 4.49 12.37
C HIS B 467 -12.22 5.48 11.33
N ARG B 468 -11.63 6.64 11.30
CA ARG B 468 -12.05 7.64 10.38
C ARG B 468 -11.92 7.06 9.00
N ALA B 469 -10.88 6.31 8.78
CA ALA B 469 -10.64 5.70 7.48
C ALA B 469 -11.74 4.74 7.13
N VAL B 470 -12.18 3.93 8.09
CA VAL B 470 -13.25 2.98 7.83
C VAL B 470 -14.54 3.70 7.46
N GLN B 471 -14.75 4.90 8.00
CA GLN B 471 -16.00 5.59 7.70
CA GLN B 471 -16.00 5.61 7.72
C GLN B 471 -15.89 6.57 6.54
N CYS B 472 -14.69 6.84 6.03
CA CYS B 472 -14.58 7.72 4.86
C CYS B 472 -14.24 7.03 3.56
N THR B 473 -13.48 5.95 3.59
CA THR B 473 -12.98 5.37 2.34
C THR B 473 -14.12 5.00 1.40
N SER B 474 -13.97 5.41 0.14
CA SER B 474 -14.95 5.18 -0.91
C SER B 474 -14.52 4.10 -1.88
N ASP B 475 -13.24 4.03 -2.22
CA ASP B 475 -12.82 3.08 -3.23
C ASP B 475 -12.74 1.66 -2.64
N TYR B 476 -11.88 1.46 -1.66
CA TYR B 476 -11.58 0.12 -1.15
C TYR B 476 -11.74 0.09 0.37
N PRO B 477 -12.98 0.09 0.86
CA PRO B 477 -13.16 0.11 2.32
C PRO B 477 -12.72 -1.18 2.98
N GLU B 478 -12.95 -2.31 2.34
CA GLU B 478 -12.52 -3.58 2.90
C GLU B 478 -11.03 -3.56 3.22
N HIS B 479 -10.23 -2.87 2.42
CA HIS B 479 -8.79 -2.85 2.66
C HIS B 479 -8.47 -2.14 3.98
N VAL B 480 -9.05 -0.94 4.18
CA VAL B 480 -8.80 -0.26 5.46
C VAL B 480 -9.38 -1.08 6.59
N CYS B 481 -10.48 -1.80 6.34
CA CYS B 481 -11.07 -2.62 7.38
C CYS B 481 -10.07 -3.66 7.87
N GLU B 482 -9.59 -4.50 6.94
CA GLU B 482 -8.63 -5.54 7.26
C GLU B 482 -7.38 -4.98 7.92
N VAL B 483 -6.97 -3.76 7.55
CA VAL B 483 -5.84 -3.18 8.27
C VAL B 483 -6.23 -2.86 9.70
N LEU B 484 -7.46 -2.39 9.89
CA LEU B 484 -7.93 -2.04 11.23
C LEU B 484 -7.94 -3.26 12.13
N LEU B 485 -8.60 -4.32 11.66
CA LEU B 485 -8.62 -5.58 12.38
C LEU B 485 -7.21 -6.07 12.64
N THR B 486 -6.35 -6.02 11.65
CA THR B 486 -4.98 -6.42 11.90
C THR B 486 -4.36 -5.61 13.03
N MET B 487 -4.63 -4.30 13.06
CA MET B 487 -4.01 -3.49 14.09
C MET B 487 -4.52 -3.87 15.46
N GLU B 488 -5.84 -4.09 15.57
CA GLU B 488 -6.39 -4.36 16.89
C GLU B 488 -5.99 -5.75 17.34
N ARG B 489 -6.07 -6.75 16.45
CA ARG B 489 -5.60 -8.10 16.79
C ARG B 489 -4.16 -8.06 17.29
N THR B 490 -3.32 -7.27 16.64
CA THR B 490 -1.92 -7.18 17.06
C THR B 490 -1.76 -6.46 18.39
N GLU B 491 -2.60 -5.47 18.70
CA GLU B 491 -2.24 -4.56 19.79
C GLU B 491 -3.38 -4.11 20.70
N GLY B 492 -4.64 -4.23 20.27
CA GLY B 492 -5.73 -3.69 21.04
C GLY B 492 -6.38 -4.67 21.99
N SER B 493 -7.05 -4.10 22.99
CA SER B 493 -7.85 -4.84 23.94
C SER B 493 -8.89 -5.68 23.23
N LEU B 494 -9.47 -6.65 23.95
CA LEU B 494 -10.53 -7.42 23.32
C LEU B 494 -11.74 -6.54 23.00
N GLU B 495 -12.04 -5.58 23.87
CA GLU B 495 -13.04 -4.57 23.56
C GLU B 495 -12.73 -3.91 22.23
N ASP B 496 -11.46 -3.51 22.05
CA ASP B 496 -11.02 -2.87 20.81
C ASP B 496 -11.29 -3.76 19.60
N TRP B 497 -10.94 -5.03 19.71
CA TRP B 497 -11.20 -5.96 18.61
C TRP B 497 -12.69 -6.02 18.31
N ASP B 498 -13.52 -6.03 19.35
CA ASP B 498 -14.96 -6.17 19.14
C ASP B 498 -15.54 -4.95 18.43
N ILE B 499 -15.16 -3.75 18.90
CA ILE B 499 -15.58 -2.52 18.23
C ILE B 499 -15.17 -2.56 16.77
N ALA B 500 -13.94 -2.99 16.52
CA ALA B 500 -13.43 -3.09 15.16
C ALA B 500 -14.32 -4.01 14.30
N VAL B 501 -14.63 -5.19 14.82
CA VAL B 501 -15.44 -6.12 14.03
C VAL B 501 -16.81 -5.52 13.76
N GLN B 502 -17.35 -4.78 14.72
CA GLN B 502 -18.64 -4.14 14.48
C GLN B 502 -18.55 -3.07 13.38
N LYS B 503 -17.60 -2.14 13.51
CA LYS B 503 -17.46 -1.10 12.50
C LYS B 503 -17.33 -1.71 11.11
N THR B 504 -16.38 -2.63 10.94
CA THR B 504 -16.14 -3.27 9.64
C THR B 504 -17.38 -4.00 9.13
N GLU B 505 -18.09 -4.69 10.03
CA GLU B 505 -19.33 -5.36 9.66
C GLU B 505 -20.38 -4.36 9.18
N THR B 506 -20.63 -3.31 9.98
CA THR B 506 -21.63 -2.31 9.64
C THR B 506 -21.26 -1.58 8.36
N ARG B 507 -19.97 -1.36 8.14
CA ARG B 507 -19.49 -0.62 6.98
C ARG B 507 -19.62 -1.46 5.72
N LEU B 508 -19.12 -2.70 5.77
CA LEU B 508 -19.15 -3.62 4.63
C LEU B 508 -20.50 -4.29 4.43
N ALA B 509 -21.46 -4.09 5.32
CA ALA B 509 -22.77 -4.69 5.16
C ALA B 509 -23.46 -4.27 3.86
#